data_2JNW
#
_entry.id   2JNW
#
loop_
_entity.id
_entity.type
_entity.pdbx_description
1 polymer 'DNA excision repair protein ERCC-1'
2 polymer 'DNA-repair protein complementing XP-A cells'
#
loop_
_entity_poly.entity_id
_entity_poly.type
_entity_poly.pdbx_seq_one_letter_code
_entity_poly.pdbx_strand_id
1 'polypeptide(L)'
;MGSSHHHHHHSQDPAKSNSIIVSPRQRGNPVLKFVRNVPWEFGDVIPDYVLGQSTCALFLSLRYHNLHPDYIHGRLQSLG
KNFALRVLLVQVDVKDPQQALKELAKMCILADCTLILAWSPEEAGRYLETYKA
;
A
2 'polypeptide(L)' KIIDTGGGFILEEE B
#
# COMPACT_ATOMS: atom_id res chain seq x y z
N ASN A 18 -11.92 4.07 -10.32
CA ASN A 18 -12.97 5.14 -10.40
C ASN A 18 -13.49 5.24 -8.98
N SER A 19 -14.58 4.60 -8.68
CA SER A 19 -14.84 4.45 -7.26
C SER A 19 -13.86 3.26 -7.12
N ILE A 20 -12.83 3.45 -6.33
CA ILE A 20 -11.63 2.52 -6.28
C ILE A 20 -11.71 1.10 -6.85
N ILE A 21 -10.51 0.57 -7.00
CA ILE A 21 -10.27 -0.85 -7.42
C ILE A 21 -9.17 -1.34 -6.49
N VAL A 22 -9.40 -2.36 -5.71
CA VAL A 22 -8.34 -2.88 -4.78
C VAL A 22 -7.99 -4.28 -5.20
N SER A 23 -6.97 -4.87 -4.68
CA SER A 23 -6.70 -6.28 -5.08
C SER A 23 -7.25 -7.24 -4.03
N PRO A 24 -7.87 -8.30 -4.49
CA PRO A 24 -8.42 -9.32 -3.56
C PRO A 24 -7.28 -9.90 -2.74
N ARG A 25 -6.07 -9.56 -3.10
CA ARG A 25 -4.91 -9.98 -2.31
C ARG A 25 -4.76 -8.97 -1.19
N GLN A 26 -5.64 -8.01 -1.15
CA GLN A 26 -5.60 -6.99 -0.08
C GLN A 26 -6.76 -7.20 0.90
N ARG A 27 -7.58 -8.20 0.65
CA ARG A 27 -8.73 -8.49 1.58
C ARG A 27 -8.19 -8.61 2.99
N GLY A 28 -8.97 -9.12 3.89
CA GLY A 28 -8.48 -9.25 5.28
C GLY A 28 -8.02 -7.88 5.77
N ASN A 29 -6.88 -7.41 5.32
CA ASN A 29 -6.38 -6.07 5.77
C ASN A 29 -7.52 -5.16 6.28
N PRO A 30 -7.53 -4.88 7.57
CA PRO A 30 -8.59 -4.01 8.21
C PRO A 30 -8.55 -2.56 7.70
N VAL A 31 -7.52 -2.14 7.04
CA VAL A 31 -7.56 -0.77 6.52
C VAL A 31 -8.80 -0.59 5.65
N LEU A 32 -9.20 -1.61 4.94
CA LEU A 32 -10.41 -1.48 4.08
C LEU A 32 -11.60 -1.05 4.94
N LYS A 33 -11.55 -1.34 6.22
CA LYS A 33 -12.67 -0.95 7.12
C LYS A 33 -12.69 0.56 7.25
N PHE A 34 -11.63 1.24 7.01
CA PHE A 34 -11.73 2.71 7.16
C PHE A 34 -11.97 3.35 5.82
N VAL A 35 -12.09 2.55 4.80
CA VAL A 35 -12.43 3.13 3.48
C VAL A 35 -13.95 3.23 3.49
N ARG A 36 -14.45 4.23 4.18
CA ARG A 36 -15.94 4.39 4.32
C ARG A 36 -16.50 5.56 3.52
N ASN A 37 -15.80 6.63 3.42
CA ASN A 37 -16.38 7.78 2.70
C ASN A 37 -16.37 7.57 1.20
N VAL A 38 -15.65 6.62 0.69
CA VAL A 38 -15.68 6.45 -0.78
C VAL A 38 -15.95 4.99 -1.15
N PRO A 39 -16.66 4.81 -2.26
CA PRO A 39 -16.96 3.45 -2.82
C PRO A 39 -15.70 2.75 -3.35
N TRP A 40 -15.52 1.49 -3.01
CA TRP A 40 -14.32 0.76 -3.52
C TRP A 40 -14.70 -0.70 -3.78
N GLU A 41 -14.00 -1.34 -4.68
CA GLU A 41 -14.31 -2.76 -4.99
C GLU A 41 -13.07 -3.51 -5.43
N PHE A 42 -13.07 -4.81 -5.25
CA PHE A 42 -11.89 -5.65 -5.66
C PHE A 42 -11.83 -5.82 -7.19
N GLY A 43 -10.70 -5.59 -7.77
CA GLY A 43 -10.56 -5.78 -9.23
C GLY A 43 -9.24 -6.46 -9.49
N ASP A 44 -9.08 -7.01 -10.63
CA ASP A 44 -7.79 -7.68 -10.92
C ASP A 44 -6.78 -6.65 -11.46
N VAL A 45 -6.10 -5.92 -10.59
CA VAL A 45 -5.10 -4.89 -11.09
C VAL A 45 -3.67 -5.11 -10.48
N ILE A 46 -2.67 -4.67 -11.19
CA ILE A 46 -1.27 -4.87 -10.72
C ILE A 46 -0.96 -4.26 -9.33
N PRO A 47 -1.33 -3.03 -9.12
CA PRO A 47 -1.00 -2.38 -7.84
C PRO A 47 -1.96 -2.85 -6.78
N ASP A 48 -1.87 -2.26 -5.63
CA ASP A 48 -2.80 -2.60 -4.54
C ASP A 48 -4.07 -1.80 -4.73
N TYR A 49 -3.96 -0.52 -4.96
CA TYR A 49 -5.19 0.28 -5.15
C TYR A 49 -5.10 1.17 -6.36
N VAL A 50 -6.09 1.11 -7.20
CA VAL A 50 -6.13 2.03 -8.37
C VAL A 50 -6.98 3.22 -7.95
N LEU A 51 -6.42 4.40 -7.93
CA LEU A 51 -7.20 5.59 -7.47
C LEU A 51 -7.60 6.49 -8.68
N GLY A 52 -6.97 6.29 -9.84
CA GLY A 52 -7.28 7.16 -11.05
C GLY A 52 -6.69 6.49 -12.30
N GLN A 53 -7.02 6.98 -13.49
CA GLN A 53 -6.50 6.31 -14.75
C GLN A 53 -4.96 6.06 -14.70
N SER A 54 -4.19 6.87 -14.02
CA SER A 54 -2.73 6.56 -13.97
C SER A 54 -2.19 6.78 -12.60
N THR A 55 -3.04 6.77 -11.63
CA THR A 55 -2.57 6.92 -10.22
C THR A 55 -2.77 5.57 -9.53
N CYS A 56 -1.81 5.07 -8.78
CA CYS A 56 -2.01 3.76 -8.05
C CYS A 56 -1.17 3.70 -6.78
N ALA A 57 -1.61 2.98 -5.81
CA ALA A 57 -0.85 2.94 -4.54
C ALA A 57 -0.46 1.50 -4.22
N LEU A 58 0.43 1.34 -3.25
CA LEU A 58 0.90 -0.01 -2.82
C LEU A 58 0.96 0.00 -1.31
N PHE A 59 0.43 -0.99 -0.63
CA PHE A 59 0.50 -0.97 0.86
C PHE A 59 1.54 -1.95 1.34
N LEU A 60 2.30 -1.54 2.30
CA LEU A 60 3.36 -2.40 2.87
C LEU A 60 3.32 -2.19 4.38
N SER A 61 2.78 -3.10 5.14
CA SER A 61 2.68 -2.83 6.64
C SER A 61 4.02 -2.85 7.40
N LEU A 62 5.15 -2.76 6.74
CA LEU A 62 6.46 -2.78 7.48
C LEU A 62 6.56 -3.95 8.47
N ARG A 63 5.79 -3.95 9.54
CA ARG A 63 5.90 -5.10 10.48
C ARG A 63 5.97 -6.35 9.64
N TYR A 64 5.09 -6.43 8.69
CA TYR A 64 5.12 -7.56 7.75
C TYR A 64 6.38 -7.40 6.92
N HIS A 65 6.82 -6.19 6.72
CA HIS A 65 8.06 -5.97 5.91
C HIS A 65 9.20 -6.85 6.42
N ASN A 66 9.31 -7.05 7.70
CA ASN A 66 10.40 -7.95 8.18
C ASN A 66 10.04 -9.35 7.71
N LEU A 67 8.93 -9.86 8.15
CA LEU A 67 8.49 -11.20 7.70
C LEU A 67 8.49 -11.18 6.15
N HIS A 68 9.46 -11.81 5.57
CA HIS A 68 9.64 -11.82 4.10
C HIS A 68 9.41 -10.43 3.47
N PRO A 69 10.53 -9.74 3.24
CA PRO A 69 10.55 -8.42 2.60
C PRO A 69 10.87 -8.64 1.11
N ASP A 70 11.54 -7.73 0.44
CA ASP A 70 11.84 -7.93 -1.04
C ASP A 70 10.52 -8.02 -1.83
N TYR A 71 9.46 -8.45 -1.19
CA TYR A 71 8.16 -8.51 -1.86
C TYR A 71 7.82 -7.10 -2.24
N ILE A 72 7.99 -6.13 -1.34
CA ILE A 72 7.66 -4.74 -1.79
C ILE A 72 8.56 -4.34 -2.94
N HIS A 73 9.80 -4.76 -2.91
CA HIS A 73 10.71 -4.44 -4.04
C HIS A 73 10.18 -5.16 -5.28
N GLY A 74 9.94 -6.46 -5.14
CA GLY A 74 9.41 -7.27 -6.29
C GLY A 74 7.99 -6.81 -6.67
N ARG A 75 7.38 -6.01 -5.84
CA ARG A 75 6.00 -5.53 -6.16
C ARG A 75 6.09 -4.29 -7.06
N LEU A 76 7.05 -3.45 -6.85
CA LEU A 76 7.14 -2.26 -7.71
C LEU A 76 7.62 -2.66 -9.11
N GLN A 77 8.56 -3.60 -9.22
CA GLN A 77 9.04 -4.00 -10.61
C GLN A 77 7.86 -4.61 -11.38
N SER A 78 6.98 -5.28 -10.70
CA SER A 78 5.81 -5.86 -11.40
C SER A 78 4.94 -4.73 -11.94
N LEU A 79 4.68 -3.77 -11.12
CA LEU A 79 3.86 -2.63 -11.59
C LEU A 79 4.54 -1.97 -12.81
N GLY A 80 5.88 -1.95 -12.81
CA GLY A 80 6.67 -1.38 -13.96
C GLY A 80 6.47 0.12 -14.13
N LYS A 81 5.52 0.51 -14.95
CA LYS A 81 5.31 1.96 -15.21
C LYS A 81 3.88 2.26 -15.74
N ASN A 82 2.93 1.33 -15.56
CA ASN A 82 1.51 1.52 -16.12
C ASN A 82 0.77 2.75 -15.54
N PHE A 83 1.14 3.23 -14.38
CA PHE A 83 0.37 4.38 -13.80
C PHE A 83 1.24 5.59 -13.53
N ALA A 84 0.77 6.72 -13.90
CA ALA A 84 1.58 7.93 -13.66
C ALA A 84 1.80 8.18 -12.18
N LEU A 85 0.80 8.50 -11.45
CA LEU A 85 1.07 8.78 -10.02
C LEU A 85 1.25 7.51 -9.23
N ARG A 86 2.45 7.17 -8.89
CA ARG A 86 2.67 5.94 -8.09
C ARG A 86 2.88 6.39 -6.63
N VAL A 87 2.23 5.72 -5.70
CA VAL A 87 2.31 6.13 -4.25
C VAL A 87 2.50 4.90 -3.34
N LEU A 88 3.27 5.02 -2.28
CA LEU A 88 3.51 3.83 -1.34
C LEU A 88 2.88 4.09 0.06
N LEU A 89 1.72 3.56 0.35
CA LEU A 89 1.10 3.80 1.70
C LEU A 89 1.82 2.97 2.73
N VAL A 90 2.38 3.58 3.71
CA VAL A 90 3.13 2.77 4.71
C VAL A 90 2.46 2.83 6.08
N GLN A 91 2.16 1.73 6.69
CA GLN A 91 1.54 1.84 8.05
C GLN A 91 2.64 1.71 9.11
N VAL A 92 2.97 2.78 9.80
CA VAL A 92 4.06 2.67 10.84
C VAL A 92 3.53 1.92 12.06
N ASP A 93 3.55 0.62 12.00
CA ASP A 93 3.08 -0.21 13.15
C ASP A 93 4.28 -0.87 13.82
N VAL A 94 5.41 -0.19 13.86
CA VAL A 94 6.60 -0.78 14.52
C VAL A 94 7.46 0.33 15.16
N LYS A 95 7.99 0.08 16.32
CA LYS A 95 8.84 1.12 17.03
C LYS A 95 10.26 1.16 16.42
N ASP A 96 10.86 2.30 16.34
CA ASP A 96 12.24 2.39 15.73
C ASP A 96 12.24 2.05 14.23
N PRO A 97 11.26 2.54 13.55
CA PRO A 97 11.12 2.29 12.08
C PRO A 97 12.20 2.98 11.25
N GLN A 98 12.67 4.07 11.71
CA GLN A 98 13.66 4.83 10.93
C GLN A 98 14.48 3.96 9.97
N GLN A 99 15.27 3.07 10.47
CA GLN A 99 16.14 2.26 9.56
C GLN A 99 15.41 1.86 8.28
N ALA A 100 14.35 1.14 8.38
CA ALA A 100 13.66 0.68 7.16
C ALA A 100 13.23 1.87 6.29
N LEU A 101 12.52 2.81 6.85
CA LEU A 101 12.08 3.96 6.00
C LEU A 101 13.25 4.43 5.14
N LYS A 102 14.40 4.60 5.73
CA LYS A 102 15.58 5.04 4.95
C LYS A 102 15.73 4.18 3.69
N GLU A 103 15.92 2.89 3.83
CA GLU A 103 16.11 2.03 2.61
C GLU A 103 14.83 1.91 1.77
N LEU A 104 13.70 2.16 2.32
CA LEU A 104 12.50 2.10 1.48
C LEU A 104 12.48 3.36 0.65
N ALA A 105 12.73 4.49 1.28
CA ALA A 105 12.72 5.78 0.52
C ALA A 105 13.70 5.71 -0.67
N LYS A 106 14.90 5.21 -0.45
CA LYS A 106 15.90 5.10 -1.57
C LYS A 106 15.23 4.35 -2.71
N MET A 107 14.55 3.31 -2.38
CA MET A 107 13.84 2.54 -3.41
C MET A 107 12.81 3.44 -4.14
N CYS A 108 12.05 4.24 -3.40
CA CYS A 108 10.98 5.10 -4.03
C CYS A 108 11.55 6.16 -4.93
N ILE A 109 12.71 6.72 -4.64
CA ILE A 109 13.23 7.78 -5.57
C ILE A 109 13.55 7.10 -6.87
N LEU A 110 14.27 5.99 -6.81
CA LEU A 110 14.59 5.27 -8.07
C LEU A 110 13.24 4.91 -8.74
N ALA A 111 12.32 4.36 -7.98
CA ALA A 111 10.96 3.98 -8.53
C ALA A 111 10.10 5.23 -8.78
N ASP A 112 10.57 6.34 -8.34
CA ASP A 112 9.83 7.61 -8.49
C ASP A 112 8.36 7.48 -8.05
N CYS A 113 8.13 6.90 -6.90
CA CYS A 113 6.74 6.80 -6.36
C CYS A 113 6.74 7.52 -5.01
N THR A 114 5.62 8.04 -4.61
CA THR A 114 5.53 8.82 -3.32
C THR A 114 5.56 7.90 -2.09
N LEU A 115 6.13 8.38 -1.02
CA LEU A 115 6.19 7.62 0.27
C LEU A 115 5.20 8.25 1.25
N ILE A 116 4.18 7.54 1.70
CA ILE A 116 3.17 8.15 2.65
C ILE A 116 3.21 7.44 3.99
N LEU A 117 3.04 8.14 5.07
CA LEU A 117 3.15 7.43 6.38
C LEU A 117 1.88 7.44 7.22
N ALA A 118 1.39 6.28 7.53
CA ALA A 118 0.22 6.19 8.43
C ALA A 118 0.66 5.48 9.69
N TRP A 119 -0.12 5.45 10.69
CA TRP A 119 0.33 4.75 11.91
C TRP A 119 -0.75 3.82 12.41
N SER A 120 -1.92 3.93 11.84
CA SER A 120 -3.04 3.03 12.23
C SER A 120 -3.78 2.55 11.00
N PRO A 121 -4.55 1.55 11.17
CA PRO A 121 -5.32 1.07 10.05
C PRO A 121 -6.39 2.06 9.70
N GLU A 122 -6.76 2.90 10.61
CA GLU A 122 -7.74 3.95 10.25
C GLU A 122 -7.04 5.07 9.48
N GLU A 123 -5.93 5.51 9.96
CA GLU A 123 -5.21 6.60 9.27
C GLU A 123 -4.99 6.27 7.78
N ALA A 124 -4.43 5.13 7.48
CA ALA A 124 -4.22 4.80 6.05
C ALA A 124 -5.57 4.80 5.39
N GLY A 125 -6.55 4.18 6.04
CA GLY A 125 -7.92 4.17 5.47
C GLY A 125 -8.27 5.60 5.12
N ARG A 126 -7.91 6.53 5.96
CA ARG A 126 -8.22 7.95 5.63
C ARG A 126 -7.48 8.31 4.34
N TYR A 127 -6.20 8.02 4.28
CA TYR A 127 -5.39 8.35 3.07
C TYR A 127 -6.03 7.88 1.78
N LEU A 128 -6.83 6.87 1.83
CA LEU A 128 -7.48 6.37 0.59
C LEU A 128 -8.68 7.27 0.23
N GLU A 129 -9.55 7.54 1.17
CA GLU A 129 -10.71 8.41 0.83
C GLU A 129 -10.18 9.74 0.29
N THR A 130 -9.04 10.20 0.82
CA THR A 130 -8.42 11.54 0.42
C THR A 130 -7.81 11.51 -0.99
N TYR A 131 -7.23 10.43 -1.44
CA TYR A 131 -6.65 10.48 -2.82
C TYR A 131 -7.74 10.33 -3.89
N LYS A 132 -8.84 9.64 -3.57
CA LYS A 132 -9.97 9.55 -4.57
C LYS A 132 -10.80 10.84 -4.43
N ALA A 133 -10.66 11.50 -3.27
CA ALA A 133 -11.37 12.82 -3.01
C ALA A 133 -10.49 14.00 -3.54
N LYS B 1 -6.58 -14.55 12.75
CA LYS B 1 -5.52 -15.59 12.98
C LYS B 1 -4.11 -15.03 12.62
N ILE B 2 -3.17 -15.92 12.32
CA ILE B 2 -1.77 -15.50 11.95
C ILE B 2 -1.42 -16.16 10.61
N ILE B 3 -2.18 -15.87 9.58
CA ILE B 3 -1.93 -16.51 8.25
C ILE B 3 -1.41 -15.50 7.27
N ASP B 4 -0.58 -14.62 7.73
CA ASP B 4 -0.04 -13.57 6.83
C ASP B 4 0.04 -14.07 5.39
N THR B 5 -0.85 -13.59 4.59
CA THR B 5 -0.88 -13.99 3.17
C THR B 5 0.14 -13.12 2.44
N GLY B 6 -0.24 -12.55 1.32
CA GLY B 6 0.69 -11.67 0.55
C GLY B 6 -0.01 -10.35 0.24
N GLY B 7 0.66 -9.23 0.45
CA GLY B 7 0.02 -7.90 0.16
C GLY B 7 0.62 -6.78 1.05
N GLY B 8 1.84 -6.91 1.51
CA GLY B 8 2.43 -5.83 2.37
C GLY B 8 1.51 -5.53 3.52
N PHE B 9 1.19 -6.50 4.31
CA PHE B 9 0.29 -6.20 5.44
C PHE B 9 0.20 -7.40 6.36
N ILE B 10 0.35 -7.17 7.62
CA ILE B 10 0.36 -8.28 8.62
C ILE B 10 -1.02 -8.90 8.83
N LEU B 11 -1.10 -10.21 8.77
CA LEU B 11 -2.41 -10.90 8.97
C LEU B 11 -2.29 -12.03 10.01
N ASN A 18 -11.92 4.07 -10.32
CA ASN A 18 -12.97 5.14 -10.40
C ASN A 18 -13.49 5.24 -8.98
N SER A 19 -14.58 4.60 -8.68
CA SER A 19 -14.84 4.45 -7.26
C SER A 19 -13.86 3.26 -7.12
N ILE A 20 -12.83 3.45 -6.33
CA ILE A 20 -11.63 2.52 -6.28
C ILE A 20 -11.71 1.10 -6.85
N ILE A 21 -10.51 0.57 -7.00
CA ILE A 21 -10.27 -0.85 -7.42
C ILE A 21 -9.17 -1.34 -6.49
N VAL A 22 -9.40 -2.36 -5.71
CA VAL A 22 -8.34 -2.88 -4.78
C VAL A 22 -7.99 -4.28 -5.20
N SER A 23 -6.98 -4.88 -4.68
CA SER A 23 -6.72 -6.30 -5.07
C SER A 23 -7.17 -7.26 -3.96
N PRO A 24 -7.79 -8.35 -4.35
CA PRO A 24 -8.26 -9.37 -3.36
C PRO A 24 -7.07 -9.88 -2.59
N ARG A 25 -5.89 -9.61 -3.07
CA ARG A 25 -4.68 -9.99 -2.34
C ARG A 25 -4.56 -9.00 -1.20
N GLN A 26 -5.39 -7.99 -1.21
CA GLN A 26 -5.37 -6.97 -0.14
C GLN A 26 -6.60 -7.14 0.79
N ARG A 27 -7.41 -8.16 0.55
CA ARG A 27 -8.60 -8.39 1.44
C ARG A 27 -8.14 -8.52 2.89
N GLY A 28 -8.92 -9.15 3.73
CA GLY A 28 -8.50 -9.26 5.15
C GLY A 28 -8.09 -7.87 5.63
N ASN A 29 -6.83 -7.55 5.52
CA ASN A 29 -6.33 -6.18 5.93
C ASN A 29 -7.47 -5.22 6.37
N PRO A 30 -7.53 -4.93 7.66
CA PRO A 30 -8.60 -4.03 8.23
C PRO A 30 -8.55 -2.57 7.70
N VAL A 31 -7.52 -2.14 7.04
CA VAL A 31 -7.56 -0.77 6.52
C VAL A 31 -8.80 -0.59 5.65
N LEU A 32 -9.20 -1.61 4.94
CA LEU A 32 -10.41 -1.48 4.08
C LEU A 32 -11.60 -1.05 4.94
N LYS A 33 -11.55 -1.34 6.22
CA LYS A 33 -12.67 -0.95 7.12
C LYS A 33 -12.69 0.56 7.25
N PHE A 34 -11.63 1.24 7.01
CA PHE A 34 -11.73 2.71 7.16
C PHE A 34 -11.97 3.35 5.82
N VAL A 35 -12.09 2.55 4.80
CA VAL A 35 -12.43 3.13 3.48
C VAL A 35 -13.95 3.23 3.49
N ARG A 36 -14.45 4.23 4.18
CA ARG A 36 -15.94 4.39 4.32
C ARG A 36 -16.50 5.56 3.52
N ASN A 37 -15.80 6.63 3.42
CA ASN A 37 -16.38 7.78 2.70
C ASN A 37 -16.37 7.57 1.20
N VAL A 38 -15.65 6.62 0.69
CA VAL A 38 -15.68 6.45 -0.78
C VAL A 38 -15.95 4.99 -1.15
N PRO A 39 -16.66 4.81 -2.26
CA PRO A 39 -16.96 3.45 -2.82
C PRO A 39 -15.70 2.75 -3.35
N TRP A 40 -15.52 1.49 -3.01
CA TRP A 40 -14.32 0.76 -3.52
C TRP A 40 -14.70 -0.70 -3.78
N GLU A 41 -14.00 -1.34 -4.68
CA GLU A 41 -14.31 -2.76 -4.99
C GLU A 41 -13.07 -3.51 -5.43
N PHE A 42 -13.07 -4.81 -5.25
CA PHE A 42 -11.89 -5.65 -5.66
C PHE A 42 -11.83 -5.82 -7.19
N GLY A 43 -10.70 -5.59 -7.77
CA GLY A 43 -10.56 -5.78 -9.23
C GLY A 43 -9.24 -6.46 -9.49
N ASP A 44 -9.08 -7.01 -10.63
CA ASP A 44 -7.79 -7.68 -10.92
C ASP A 44 -6.78 -6.65 -11.46
N VAL A 45 -6.10 -5.92 -10.59
CA VAL A 45 -5.10 -4.89 -11.09
C VAL A 45 -3.67 -5.11 -10.48
N ILE A 46 -2.67 -4.67 -11.19
CA ILE A 46 -1.27 -4.87 -10.72
C ILE A 46 -0.96 -4.26 -9.33
N PRO A 47 -1.33 -3.03 -9.12
CA PRO A 47 -1.00 -2.38 -7.84
C PRO A 47 -1.96 -2.85 -6.78
N ASP A 48 -1.87 -2.26 -5.63
CA ASP A 48 -2.80 -2.60 -4.54
C ASP A 48 -4.07 -1.80 -4.73
N TYR A 49 -3.96 -0.52 -4.96
CA TYR A 49 -5.19 0.28 -5.15
C TYR A 49 -5.10 1.17 -6.36
N VAL A 50 -6.09 1.11 -7.20
CA VAL A 50 -6.13 2.03 -8.37
C VAL A 50 -6.98 3.22 -7.95
N LEU A 51 -6.42 4.40 -7.93
CA LEU A 51 -7.20 5.59 -7.47
C LEU A 51 -7.60 6.49 -8.68
N GLY A 52 -6.97 6.29 -9.84
CA GLY A 52 -7.28 7.16 -11.05
C GLY A 52 -6.69 6.49 -12.30
N GLN A 53 -7.02 6.98 -13.49
CA GLN A 53 -6.50 6.31 -14.75
C GLN A 53 -4.96 6.06 -14.70
N SER A 54 -4.19 6.87 -14.02
CA SER A 54 -2.73 6.56 -13.97
C SER A 54 -2.19 6.78 -12.60
N THR A 55 -3.04 6.77 -11.63
CA THR A 55 -2.57 6.92 -10.22
C THR A 55 -2.77 5.57 -9.53
N CYS A 56 -1.81 5.07 -8.78
CA CYS A 56 -2.01 3.76 -8.05
C CYS A 56 -1.17 3.70 -6.78
N ALA A 57 -1.61 2.98 -5.81
CA ALA A 57 -0.85 2.94 -4.54
C ALA A 57 -0.46 1.50 -4.22
N LEU A 58 0.43 1.34 -3.25
CA LEU A 58 0.90 -0.01 -2.82
C LEU A 58 0.96 0.00 -1.31
N PHE A 59 0.43 -1.00 -0.65
CA PHE A 59 0.50 -1.02 0.85
C PHE A 59 1.57 -1.98 1.33
N LEU A 60 2.29 -1.58 2.32
CA LEU A 60 3.34 -2.42 2.90
C LEU A 60 3.29 -2.20 4.40
N SER A 61 2.73 -3.12 5.16
CA SER A 61 2.63 -2.83 6.65
C SER A 61 3.96 -2.88 7.42
N LEU A 62 5.09 -2.79 6.76
CA LEU A 62 6.41 -2.82 7.49
C LEU A 62 6.49 -3.99 8.49
N ARG A 63 5.73 -4.00 9.55
CA ARG A 63 5.83 -5.15 10.49
C ARG A 63 5.90 -6.39 9.65
N TYR A 64 5.09 -6.43 8.65
CA TYR A 64 5.12 -7.56 7.69
C TYR A 64 6.39 -7.40 6.89
N HIS A 65 6.81 -6.18 6.64
CA HIS A 65 8.05 -5.96 5.84
C HIS A 65 9.22 -6.83 6.35
N ASN A 66 9.28 -7.07 7.64
CA ASN A 66 10.37 -7.96 8.15
C ASN A 66 10.11 -9.37 7.60
N LEU A 67 9.02 -9.97 8.00
CA LEU A 67 8.68 -11.32 7.45
C LEU A 67 8.68 -11.23 5.92
N HIS A 68 9.59 -11.90 5.27
CA HIS A 68 9.70 -11.81 3.76
C HIS A 68 9.52 -10.34 3.32
N PRO A 69 10.64 -9.68 3.10
CA PRO A 69 10.65 -8.26 2.69
C PRO A 69 10.73 -8.07 1.17
N ASP A 70 11.70 -8.65 0.48
CA ASP A 70 11.85 -8.45 -1.02
C ASP A 70 10.49 -8.30 -1.75
N TYR A 71 9.41 -8.73 -1.16
CA TYR A 71 8.08 -8.59 -1.82
C TYR A 71 7.80 -7.12 -2.21
N ILE A 72 7.99 -6.13 -1.34
CA ILE A 72 7.66 -4.74 -1.79
C ILE A 72 8.56 -4.34 -2.94
N HIS A 73 9.80 -4.76 -2.91
CA HIS A 73 10.71 -4.44 -4.04
C HIS A 73 10.18 -5.16 -5.28
N GLY A 74 9.94 -6.46 -5.14
CA GLY A 74 9.41 -7.27 -6.29
C GLY A 74 7.99 -6.81 -6.67
N ARG A 75 7.38 -6.01 -5.84
CA ARG A 75 6.00 -5.53 -6.16
C ARG A 75 6.09 -4.29 -7.06
N LEU A 76 7.05 -3.45 -6.85
CA LEU A 76 7.14 -2.26 -7.71
C LEU A 76 7.62 -2.66 -9.11
N GLN A 77 8.56 -3.60 -9.22
CA GLN A 77 9.04 -4.00 -10.61
C GLN A 77 7.86 -4.61 -11.38
N SER A 78 6.98 -5.28 -10.70
CA SER A 78 5.81 -5.86 -11.40
C SER A 78 4.94 -4.73 -11.94
N LEU A 79 4.68 -3.77 -11.12
CA LEU A 79 3.86 -2.63 -11.59
C LEU A 79 4.54 -1.97 -12.81
N GLY A 80 5.88 -1.95 -12.81
CA GLY A 80 6.67 -1.38 -13.96
C GLY A 80 6.47 0.12 -14.13
N LYS A 81 5.52 0.51 -14.95
CA LYS A 81 5.31 1.96 -15.21
C LYS A 81 3.88 2.26 -15.74
N ASN A 82 2.93 1.33 -15.56
CA ASN A 82 1.51 1.52 -16.12
C ASN A 82 0.77 2.75 -15.54
N PHE A 83 1.14 3.23 -14.38
CA PHE A 83 0.37 4.38 -13.80
C PHE A 83 1.24 5.59 -13.53
N ALA A 84 0.77 6.72 -13.90
CA ALA A 84 1.58 7.93 -13.66
C ALA A 84 1.80 8.18 -12.18
N LEU A 85 0.80 8.50 -11.45
CA LEU A 85 1.07 8.78 -10.02
C LEU A 85 1.25 7.51 -9.23
N ARG A 86 2.45 7.17 -8.89
CA ARG A 86 2.67 5.94 -8.09
C ARG A 86 2.88 6.39 -6.63
N VAL A 87 2.23 5.72 -5.70
CA VAL A 87 2.31 6.13 -4.25
C VAL A 87 2.50 4.90 -3.34
N LEU A 88 3.27 5.02 -2.28
CA LEU A 88 3.51 3.83 -1.34
C LEU A 88 2.88 4.09 0.06
N LEU A 89 1.72 3.56 0.35
CA LEU A 89 1.10 3.80 1.70
C LEU A 89 1.82 2.97 2.73
N VAL A 90 2.38 3.58 3.71
CA VAL A 90 3.13 2.77 4.71
C VAL A 90 2.46 2.83 6.08
N GLN A 91 2.16 1.73 6.69
CA GLN A 91 1.54 1.84 8.05
C GLN A 91 2.64 1.71 9.11
N VAL A 92 2.97 2.78 9.80
CA VAL A 92 4.06 2.67 10.84
C VAL A 92 3.53 1.92 12.06
N ASP A 93 3.55 0.62 12.00
CA ASP A 93 3.08 -0.21 13.15
C ASP A 93 4.28 -0.87 13.82
N VAL A 94 5.41 -0.19 13.86
CA VAL A 94 6.60 -0.78 14.52
C VAL A 94 7.46 0.33 15.16
N LYS A 95 7.99 0.08 16.32
CA LYS A 95 8.84 1.12 17.03
C LYS A 95 10.26 1.16 16.42
N ASP A 96 10.86 2.30 16.34
CA ASP A 96 12.24 2.39 15.73
C ASP A 96 12.24 2.05 14.23
N PRO A 97 11.26 2.54 13.55
CA PRO A 97 11.12 2.29 12.08
C PRO A 97 12.20 2.98 11.25
N GLN A 98 12.67 4.07 11.71
CA GLN A 98 13.66 4.83 10.93
C GLN A 98 14.48 3.96 9.97
N GLN A 99 15.27 3.07 10.47
CA GLN A 99 16.14 2.26 9.56
C GLN A 99 15.41 1.86 8.28
N ALA A 100 14.35 1.14 8.38
CA ALA A 100 13.66 0.68 7.16
C ALA A 100 13.23 1.87 6.29
N LEU A 101 12.52 2.81 6.85
CA LEU A 101 12.08 3.96 6.00
C LEU A 101 13.25 4.43 5.14
N LYS A 102 14.40 4.60 5.73
CA LYS A 102 15.58 5.04 4.95
C LYS A 102 15.73 4.18 3.69
N GLU A 103 15.92 2.89 3.83
CA GLU A 103 16.11 2.03 2.61
C GLU A 103 14.83 1.91 1.77
N LEU A 104 13.70 2.16 2.32
CA LEU A 104 12.50 2.10 1.48
C LEU A 104 12.48 3.36 0.65
N ALA A 105 12.73 4.49 1.28
CA ALA A 105 12.72 5.78 0.52
C ALA A 105 13.70 5.71 -0.67
N LYS A 106 14.90 5.21 -0.45
CA LYS A 106 15.90 5.10 -1.57
C LYS A 106 15.23 4.35 -2.71
N MET A 107 14.55 3.31 -2.38
CA MET A 107 13.84 2.54 -3.41
C MET A 107 12.81 3.44 -4.14
N CYS A 108 12.05 4.24 -3.40
CA CYS A 108 10.98 5.10 -4.03
C CYS A 108 11.55 6.16 -4.93
N ILE A 109 12.71 6.72 -4.64
CA ILE A 109 13.23 7.78 -5.57
C ILE A 109 13.55 7.10 -6.87
N LEU A 110 14.27 5.99 -6.81
CA LEU A 110 14.59 5.27 -8.07
C LEU A 110 13.24 4.91 -8.74
N ALA A 111 12.32 4.36 -7.98
CA ALA A 111 10.96 3.98 -8.53
C ALA A 111 10.10 5.23 -8.78
N ASP A 112 10.57 6.34 -8.34
CA ASP A 112 9.83 7.61 -8.49
C ASP A 112 8.36 7.48 -8.05
N CYS A 113 8.13 6.90 -6.90
CA CYS A 113 6.74 6.80 -6.36
C CYS A 113 6.74 7.52 -5.01
N THR A 114 5.62 8.04 -4.61
CA THR A 114 5.53 8.82 -3.32
C THR A 114 5.56 7.90 -2.09
N LEU A 115 6.13 8.38 -1.02
CA LEU A 115 6.19 7.62 0.27
C LEU A 115 5.20 8.25 1.25
N ILE A 116 4.18 7.54 1.70
CA ILE A 116 3.17 8.15 2.65
C ILE A 116 3.21 7.44 3.99
N LEU A 117 3.04 8.14 5.07
CA LEU A 117 3.15 7.43 6.38
C LEU A 117 1.88 7.44 7.22
N ALA A 118 1.39 6.28 7.53
CA ALA A 118 0.22 6.19 8.43
C ALA A 118 0.66 5.48 9.69
N TRP A 119 -0.12 5.45 10.69
CA TRP A 119 0.33 4.75 11.91
C TRP A 119 -0.75 3.82 12.41
N SER A 120 -1.92 3.93 11.84
CA SER A 120 -3.04 3.03 12.23
C SER A 120 -3.78 2.55 11.00
N PRO A 121 -4.55 1.55 11.17
CA PRO A 121 -5.32 1.07 10.05
C PRO A 121 -6.39 2.06 9.70
N GLU A 122 -6.76 2.90 10.61
CA GLU A 122 -7.74 3.95 10.25
C GLU A 122 -7.04 5.07 9.48
N GLU A 123 -5.93 5.51 9.96
CA GLU A 123 -5.21 6.60 9.27
C GLU A 123 -4.99 6.27 7.78
N ALA A 124 -4.43 5.13 7.48
CA ALA A 124 -4.22 4.80 6.05
C ALA A 124 -5.57 4.80 5.39
N GLY A 125 -6.55 4.18 6.04
CA GLY A 125 -7.92 4.17 5.47
C GLY A 125 -8.27 5.60 5.12
N ARG A 126 -7.91 6.53 5.96
CA ARG A 126 -8.22 7.95 5.63
C ARG A 126 -7.48 8.31 4.34
N TYR A 127 -6.20 8.02 4.28
CA TYR A 127 -5.39 8.35 3.07
C TYR A 127 -6.03 7.88 1.78
N LEU A 128 -6.83 6.87 1.83
CA LEU A 128 -7.48 6.37 0.59
C LEU A 128 -8.68 7.27 0.23
N GLU A 129 -9.55 7.54 1.17
CA GLU A 129 -10.71 8.41 0.83
C GLU A 129 -10.18 9.74 0.29
N THR A 130 -9.04 10.20 0.82
CA THR A 130 -8.42 11.54 0.42
C THR A 130 -7.81 11.51 -0.99
N TYR A 131 -7.23 10.43 -1.44
CA TYR A 131 -6.65 10.48 -2.82
C TYR A 131 -7.74 10.33 -3.89
N LYS A 132 -8.84 9.64 -3.57
CA LYS A 132 -9.97 9.55 -4.57
C LYS A 132 -10.80 10.84 -4.43
N ALA A 133 -10.66 11.50 -3.27
CA ALA A 133 -11.37 12.82 -3.01
C ALA A 133 -10.49 14.00 -3.54
N LYS B 1 -6.00 -13.58 12.72
CA LYS B 1 -5.17 -14.80 12.96
C LYS B 1 -3.68 -14.53 12.57
N ILE B 2 -2.97 -15.56 12.12
CA ILE B 2 -1.53 -15.42 11.76
C ILE B 2 -1.33 -15.46 10.23
N ILE B 3 -2.06 -16.34 9.60
CA ILE B 3 -2.04 -16.57 8.11
C ILE B 3 -1.59 -15.35 7.31
N ASP B 4 -0.39 -14.92 7.46
CA ASP B 4 0.01 -13.76 6.66
C ASP B 4 0.07 -14.18 5.20
N THR B 5 -0.83 -13.65 4.44
CA THR B 5 -0.85 -13.97 3.00
C THR B 5 0.14 -13.05 2.30
N GLY B 6 -0.21 -12.51 1.15
CA GLY B 6 0.72 -11.59 0.42
C GLY B 6 0.01 -10.25 0.17
N GLY B 7 0.72 -9.15 0.28
CA GLY B 7 0.07 -7.81 0.05
C GLY B 7 0.70 -6.70 0.93
N GLY B 8 1.85 -6.91 1.50
CA GLY B 8 2.46 -5.86 2.37
C GLY B 8 1.51 -5.53 3.47
N PHE B 9 1.19 -6.48 4.29
CA PHE B 9 0.26 -6.18 5.39
C PHE B 9 0.17 -7.36 6.35
N ILE B 10 0.35 -7.12 7.61
CA ILE B 10 0.35 -8.22 8.61
C ILE B 10 -1.04 -8.81 8.84
N LEU B 11 -1.18 -10.08 8.63
CA LEU B 11 -2.51 -10.72 8.83
C LEU B 11 -2.50 -11.67 10.05
N ASN A 18 -11.92 4.07 -10.32
CA ASN A 18 -12.97 5.14 -10.40
C ASN A 18 -13.49 5.24 -8.98
N SER A 19 -14.58 4.60 -8.68
CA SER A 19 -14.84 4.45 -7.26
C SER A 19 -13.86 3.26 -7.12
N ILE A 20 -12.83 3.45 -6.33
CA ILE A 20 -11.63 2.52 -6.28
C ILE A 20 -11.71 1.10 -6.85
N ILE A 21 -10.51 0.57 -7.00
CA ILE A 21 -10.27 -0.85 -7.42
C ILE A 21 -9.17 -1.34 -6.49
N VAL A 22 -9.40 -2.36 -5.71
CA VAL A 22 -8.34 -2.88 -4.78
C VAL A 22 -7.99 -4.28 -5.20
N SER A 23 -6.97 -4.86 -4.68
CA SER A 23 -6.69 -6.27 -5.07
C SER A 23 -7.22 -7.23 -4.00
N PRO A 24 -7.82 -8.31 -4.45
CA PRO A 24 -8.35 -9.34 -3.49
C PRO A 24 -7.19 -9.87 -2.69
N ARG A 25 -5.99 -9.50 -3.07
CA ARG A 25 -4.80 -9.87 -2.31
C ARG A 25 -4.71 -8.90 -1.16
N GLN A 26 -5.62 -7.96 -1.13
CA GLN A 26 -5.64 -6.96 -0.04
C GLN A 26 -6.83 -7.22 0.91
N ARG A 27 -7.61 -8.23 0.63
CA ARG A 27 -8.77 -8.56 1.53
C ARG A 27 -8.25 -8.67 2.96
N GLY A 28 -9.05 -9.09 3.88
CA GLY A 28 -8.56 -9.19 5.27
C GLY A 28 -8.09 -7.81 5.74
N ASN A 29 -6.90 -7.41 5.35
CA ASN A 29 -6.37 -6.05 5.75
C ASN A 29 -7.49 -5.10 6.24
N PRO A 30 -7.53 -4.88 7.55
CA PRO A 30 -8.58 -4.01 8.19
C PRO A 30 -8.56 -2.57 7.69
N VAL A 31 -7.52 -2.14 7.04
CA VAL A 31 -7.56 -0.77 6.52
C VAL A 31 -8.80 -0.59 5.65
N LEU A 32 -9.20 -1.61 4.94
CA LEU A 32 -10.41 -1.48 4.08
C LEU A 32 -11.60 -1.05 4.94
N LYS A 33 -11.55 -1.34 6.22
CA LYS A 33 -12.67 -0.95 7.12
C LYS A 33 -12.69 0.56 7.25
N PHE A 34 -11.63 1.24 7.01
CA PHE A 34 -11.73 2.71 7.16
C PHE A 34 -11.97 3.35 5.82
N VAL A 35 -12.09 2.55 4.80
CA VAL A 35 -12.43 3.13 3.48
C VAL A 35 -13.95 3.23 3.49
N ARG A 36 -14.45 4.23 4.18
CA ARG A 36 -15.94 4.39 4.32
C ARG A 36 -16.50 5.56 3.52
N ASN A 37 -15.80 6.63 3.42
CA ASN A 37 -16.38 7.78 2.70
C ASN A 37 -16.37 7.57 1.20
N VAL A 38 -15.65 6.62 0.69
CA VAL A 38 -15.68 6.45 -0.78
C VAL A 38 -15.95 4.99 -1.15
N PRO A 39 -16.66 4.81 -2.26
CA PRO A 39 -16.96 3.45 -2.82
C PRO A 39 -15.70 2.75 -3.35
N TRP A 40 -15.52 1.49 -3.01
CA TRP A 40 -14.32 0.76 -3.52
C TRP A 40 -14.70 -0.70 -3.78
N GLU A 41 -14.00 -1.34 -4.68
CA GLU A 41 -14.31 -2.76 -4.99
C GLU A 41 -13.07 -3.51 -5.43
N PHE A 42 -13.07 -4.81 -5.25
CA PHE A 42 -11.89 -5.65 -5.66
C PHE A 42 -11.83 -5.82 -7.19
N GLY A 43 -10.70 -5.59 -7.77
CA GLY A 43 -10.56 -5.78 -9.23
C GLY A 43 -9.24 -6.46 -9.49
N ASP A 44 -9.08 -7.01 -10.63
CA ASP A 44 -7.79 -7.68 -10.92
C ASP A 44 -6.78 -6.65 -11.46
N VAL A 45 -6.10 -5.92 -10.59
CA VAL A 45 -5.10 -4.89 -11.09
C VAL A 45 -3.67 -5.11 -10.48
N ILE A 46 -2.67 -4.67 -11.19
CA ILE A 46 -1.27 -4.87 -10.72
C ILE A 46 -0.96 -4.26 -9.33
N PRO A 47 -1.33 -3.03 -9.12
CA PRO A 47 -1.00 -2.38 -7.84
C PRO A 47 -1.96 -2.85 -6.78
N ASP A 48 -1.87 -2.26 -5.63
CA ASP A 48 -2.80 -2.60 -4.54
C ASP A 48 -4.07 -1.80 -4.73
N TYR A 49 -3.96 -0.52 -4.96
CA TYR A 49 -5.19 0.28 -5.15
C TYR A 49 -5.10 1.17 -6.36
N VAL A 50 -6.09 1.11 -7.20
CA VAL A 50 -6.13 2.03 -8.37
C VAL A 50 -6.98 3.22 -7.95
N LEU A 51 -6.42 4.40 -7.93
CA LEU A 51 -7.20 5.59 -7.47
C LEU A 51 -7.60 6.49 -8.68
N GLY A 52 -6.97 6.29 -9.84
CA GLY A 52 -7.28 7.16 -11.05
C GLY A 52 -6.69 6.49 -12.30
N GLN A 53 -7.02 6.98 -13.49
CA GLN A 53 -6.50 6.31 -14.75
C GLN A 53 -4.96 6.06 -14.70
N SER A 54 -4.19 6.87 -14.02
CA SER A 54 -2.73 6.56 -13.97
C SER A 54 -2.19 6.78 -12.60
N THR A 55 -3.04 6.77 -11.63
CA THR A 55 -2.57 6.92 -10.22
C THR A 55 -2.77 5.57 -9.53
N CYS A 56 -1.81 5.07 -8.78
CA CYS A 56 -2.01 3.76 -8.05
C CYS A 56 -1.17 3.70 -6.78
N ALA A 57 -1.61 2.98 -5.81
CA ALA A 57 -0.85 2.94 -4.54
C ALA A 57 -0.46 1.50 -4.22
N LEU A 58 0.43 1.34 -3.25
CA LEU A 58 0.90 -0.01 -2.82
C LEU A 58 0.96 0.00 -1.31
N PHE A 59 0.41 -0.98 -0.63
CA PHE A 59 0.47 -0.99 0.86
C PHE A 59 1.53 -1.95 1.35
N LEU A 60 2.25 -1.54 2.34
CA LEU A 60 3.30 -2.38 2.92
C LEU A 60 3.27 -2.17 4.43
N SER A 61 2.75 -3.10 5.18
CA SER A 61 2.64 -2.83 6.67
C SER A 61 3.99 -2.84 7.42
N LEU A 62 5.10 -2.84 6.75
CA LEU A 62 6.42 -2.85 7.46
C LEU A 62 6.54 -4.03 8.42
N ARG A 63 5.78 -4.10 9.47
CA ARG A 63 5.95 -5.29 10.37
C ARG A 63 6.04 -6.47 9.44
N TYR A 64 5.04 -6.68 8.66
CA TYR A 64 5.11 -7.78 7.66
C TYR A 64 6.37 -7.57 6.80
N HIS A 65 6.80 -6.33 6.66
CA HIS A 65 8.03 -6.05 5.82
C HIS A 65 9.21 -6.96 6.22
N ASN A 66 9.41 -7.16 7.49
CA ASN A 66 10.55 -8.04 7.89
C ASN A 66 10.20 -9.47 7.48
N LEU A 67 9.01 -9.92 7.75
CA LEU A 67 8.65 -11.31 7.38
C LEU A 67 8.85 -11.57 5.88
N HIS A 68 8.70 -10.58 5.05
CA HIS A 68 8.95 -10.81 3.60
C HIS A 68 9.49 -9.54 2.91
N PRO A 69 10.75 -9.30 3.04
CA PRO A 69 11.35 -8.13 2.35
C PRO A 69 11.51 -8.50 0.87
N ASP A 70 11.89 -7.58 0.01
CA ASP A 70 11.99 -7.90 -1.45
C ASP A 70 10.59 -8.08 -2.05
N TYR A 71 9.61 -8.40 -1.24
CA TYR A 71 8.24 -8.51 -1.79
C TYR A 71 7.87 -7.11 -2.23
N ILE A 72 7.99 -6.13 -1.34
CA ILE A 72 7.66 -4.74 -1.79
C ILE A 72 8.56 -4.34 -2.94
N HIS A 73 9.80 -4.76 -2.91
CA HIS A 73 10.71 -4.44 -4.04
C HIS A 73 10.18 -5.16 -5.28
N GLY A 74 9.94 -6.46 -5.14
CA GLY A 74 9.41 -7.27 -6.29
C GLY A 74 7.99 -6.81 -6.67
N ARG A 75 7.38 -6.01 -5.84
CA ARG A 75 6.00 -5.53 -6.16
C ARG A 75 6.09 -4.29 -7.06
N LEU A 76 7.05 -3.45 -6.85
CA LEU A 76 7.14 -2.26 -7.71
C LEU A 76 7.62 -2.66 -9.11
N GLN A 77 8.56 -3.60 -9.22
CA GLN A 77 9.04 -4.00 -10.61
C GLN A 77 7.86 -4.61 -11.38
N SER A 78 6.98 -5.28 -10.70
CA SER A 78 5.81 -5.86 -11.40
C SER A 78 4.94 -4.73 -11.94
N LEU A 79 4.68 -3.77 -11.12
CA LEU A 79 3.86 -2.63 -11.59
C LEU A 79 4.54 -1.97 -12.81
N GLY A 80 5.88 -1.95 -12.81
CA GLY A 80 6.67 -1.38 -13.96
C GLY A 80 6.47 0.12 -14.13
N LYS A 81 5.52 0.51 -14.95
CA LYS A 81 5.31 1.96 -15.21
C LYS A 81 3.88 2.26 -15.74
N ASN A 82 2.93 1.33 -15.56
CA ASN A 82 1.51 1.52 -16.12
C ASN A 82 0.77 2.75 -15.54
N PHE A 83 1.14 3.23 -14.38
CA PHE A 83 0.37 4.38 -13.80
C PHE A 83 1.24 5.59 -13.53
N ALA A 84 0.77 6.72 -13.90
CA ALA A 84 1.58 7.93 -13.66
C ALA A 84 1.80 8.18 -12.18
N LEU A 85 0.80 8.50 -11.45
CA LEU A 85 1.07 8.78 -10.02
C LEU A 85 1.25 7.51 -9.23
N ARG A 86 2.45 7.17 -8.89
CA ARG A 86 2.67 5.94 -8.09
C ARG A 86 2.88 6.39 -6.63
N VAL A 87 2.23 5.72 -5.70
CA VAL A 87 2.31 6.13 -4.25
C VAL A 87 2.50 4.90 -3.34
N LEU A 88 3.27 5.02 -2.28
CA LEU A 88 3.51 3.83 -1.34
C LEU A 88 2.88 4.09 0.06
N LEU A 89 1.72 3.56 0.35
CA LEU A 89 1.10 3.80 1.70
C LEU A 89 1.82 2.97 2.73
N VAL A 90 2.38 3.58 3.71
CA VAL A 90 3.13 2.77 4.71
C VAL A 90 2.46 2.83 6.08
N GLN A 91 2.16 1.73 6.69
CA GLN A 91 1.54 1.84 8.05
C GLN A 91 2.64 1.71 9.11
N VAL A 92 2.97 2.78 9.80
CA VAL A 92 4.06 2.67 10.84
C VAL A 92 3.53 1.92 12.06
N ASP A 93 3.55 0.62 12.00
CA ASP A 93 3.08 -0.21 13.15
C ASP A 93 4.28 -0.87 13.82
N VAL A 94 5.41 -0.19 13.86
CA VAL A 94 6.60 -0.78 14.52
C VAL A 94 7.46 0.33 15.16
N LYS A 95 7.99 0.08 16.32
CA LYS A 95 8.84 1.12 17.03
C LYS A 95 10.26 1.16 16.42
N ASP A 96 10.86 2.30 16.34
CA ASP A 96 12.24 2.39 15.73
C ASP A 96 12.24 2.05 14.23
N PRO A 97 11.26 2.54 13.55
CA PRO A 97 11.12 2.29 12.08
C PRO A 97 12.20 2.98 11.25
N GLN A 98 12.67 4.07 11.71
CA GLN A 98 13.66 4.83 10.93
C GLN A 98 14.48 3.96 9.97
N GLN A 99 15.27 3.07 10.47
CA GLN A 99 16.14 2.26 9.56
C GLN A 99 15.41 1.86 8.28
N ALA A 100 14.35 1.14 8.38
CA ALA A 100 13.66 0.68 7.16
C ALA A 100 13.23 1.87 6.29
N LEU A 101 12.52 2.81 6.85
CA LEU A 101 12.08 3.96 6.00
C LEU A 101 13.25 4.43 5.14
N LYS A 102 14.40 4.60 5.73
CA LYS A 102 15.58 5.04 4.95
C LYS A 102 15.73 4.18 3.69
N GLU A 103 15.92 2.89 3.83
CA GLU A 103 16.11 2.03 2.61
C GLU A 103 14.83 1.91 1.77
N LEU A 104 13.70 2.16 2.32
CA LEU A 104 12.50 2.10 1.48
C LEU A 104 12.48 3.36 0.65
N ALA A 105 12.73 4.49 1.28
CA ALA A 105 12.72 5.78 0.52
C ALA A 105 13.70 5.71 -0.67
N LYS A 106 14.90 5.21 -0.45
CA LYS A 106 15.90 5.10 -1.57
C LYS A 106 15.23 4.35 -2.71
N MET A 107 14.55 3.31 -2.38
CA MET A 107 13.84 2.54 -3.41
C MET A 107 12.81 3.44 -4.14
N CYS A 108 12.05 4.24 -3.40
CA CYS A 108 10.98 5.10 -4.03
C CYS A 108 11.55 6.16 -4.93
N ILE A 109 12.71 6.72 -4.64
CA ILE A 109 13.23 7.78 -5.57
C ILE A 109 13.55 7.10 -6.87
N LEU A 110 14.27 5.99 -6.81
CA LEU A 110 14.59 5.27 -8.07
C LEU A 110 13.24 4.91 -8.74
N ALA A 111 12.32 4.36 -7.98
CA ALA A 111 10.96 3.98 -8.53
C ALA A 111 10.10 5.23 -8.78
N ASP A 112 10.57 6.34 -8.34
CA ASP A 112 9.83 7.61 -8.49
C ASP A 112 8.36 7.48 -8.05
N CYS A 113 8.13 6.90 -6.90
CA CYS A 113 6.74 6.80 -6.36
C CYS A 113 6.74 7.52 -5.01
N THR A 114 5.62 8.04 -4.61
CA THR A 114 5.53 8.82 -3.32
C THR A 114 5.56 7.90 -2.09
N LEU A 115 6.13 8.38 -1.02
CA LEU A 115 6.19 7.62 0.27
C LEU A 115 5.20 8.25 1.25
N ILE A 116 4.18 7.54 1.70
CA ILE A 116 3.17 8.15 2.65
C ILE A 116 3.21 7.44 3.99
N LEU A 117 3.04 8.14 5.07
CA LEU A 117 3.15 7.43 6.38
C LEU A 117 1.88 7.44 7.22
N ALA A 118 1.39 6.28 7.53
CA ALA A 118 0.22 6.19 8.43
C ALA A 118 0.66 5.48 9.69
N TRP A 119 -0.12 5.45 10.69
CA TRP A 119 0.33 4.75 11.91
C TRP A 119 -0.75 3.82 12.41
N SER A 120 -1.92 3.93 11.84
CA SER A 120 -3.04 3.03 12.23
C SER A 120 -3.78 2.55 11.00
N PRO A 121 -4.55 1.55 11.17
CA PRO A 121 -5.32 1.07 10.05
C PRO A 121 -6.39 2.06 9.70
N GLU A 122 -6.76 2.90 10.61
CA GLU A 122 -7.74 3.95 10.25
C GLU A 122 -7.04 5.07 9.48
N GLU A 123 -5.93 5.51 9.96
CA GLU A 123 -5.21 6.60 9.27
C GLU A 123 -4.99 6.27 7.78
N ALA A 124 -4.43 5.13 7.48
CA ALA A 124 -4.22 4.80 6.05
C ALA A 124 -5.57 4.80 5.39
N GLY A 125 -6.55 4.18 6.04
CA GLY A 125 -7.92 4.17 5.47
C GLY A 125 -8.27 5.60 5.12
N ARG A 126 -7.91 6.53 5.96
CA ARG A 126 -8.22 7.95 5.63
C ARG A 126 -7.48 8.31 4.34
N TYR A 127 -6.20 8.02 4.28
CA TYR A 127 -5.39 8.35 3.07
C TYR A 127 -6.03 7.88 1.78
N LEU A 128 -6.83 6.87 1.83
CA LEU A 128 -7.48 6.37 0.59
C LEU A 128 -8.68 7.27 0.23
N GLU A 129 -9.55 7.54 1.17
CA GLU A 129 -10.71 8.41 0.83
C GLU A 129 -10.18 9.74 0.29
N THR A 130 -9.04 10.20 0.82
CA THR A 130 -8.42 11.54 0.42
C THR A 130 -7.81 11.51 -0.99
N TYR A 131 -7.23 10.43 -1.44
CA TYR A 131 -6.65 10.48 -2.82
C TYR A 131 -7.74 10.33 -3.89
N LYS A 132 -8.84 9.64 -3.57
CA LYS A 132 -9.97 9.55 -4.57
C LYS A 132 -10.80 10.84 -4.43
N ALA A 133 -10.66 11.50 -3.27
CA ALA A 133 -11.37 12.82 -3.01
C ALA A 133 -10.49 14.00 -3.54
N LYS B 1 -6.54 -14.67 12.95
CA LYS B 1 -5.51 -15.75 13.07
C LYS B 1 -4.10 -15.25 12.62
N ILE B 2 -3.13 -16.13 12.62
CA ILE B 2 -1.73 -15.80 12.20
C ILE B 2 -1.48 -16.45 10.82
N ILE B 3 -2.13 -15.96 9.79
CA ILE B 3 -1.94 -16.58 8.45
C ILE B 3 -1.45 -15.56 7.45
N ASP B 4 -0.57 -14.71 7.85
CA ASP B 4 -0.08 -13.67 6.91
C ASP B 4 -0.04 -14.20 5.47
N THR B 5 -0.80 -13.58 4.64
CA THR B 5 -0.87 -13.99 3.22
C THR B 5 0.15 -13.15 2.44
N GLY B 6 -0.26 -12.52 1.36
CA GLY B 6 0.68 -11.68 0.56
C GLY B 6 0.00 -10.36 0.20
N GLY B 7 0.67 -9.25 0.47
CA GLY B 7 0.07 -7.90 0.15
C GLY B 7 0.67 -6.78 1.03
N GLY B 8 1.87 -6.92 1.54
CA GLY B 8 2.45 -5.82 2.40
C GLY B 8 1.54 -5.53 3.52
N PHE B 9 1.20 -6.49 4.31
CA PHE B 9 0.31 -6.18 5.42
C PHE B 9 0.23 -7.38 6.36
N ILE B 10 0.43 -7.14 7.62
CA ILE B 10 0.44 -8.26 8.60
C ILE B 10 -0.93 -8.89 8.79
N LEU B 11 -0.99 -10.17 9.00
CA LEU B 11 -2.31 -10.84 9.14
C LEU B 11 -2.24 -12.06 10.07
N ASN A 18 -11.92 4.07 -10.32
CA ASN A 18 -12.97 5.14 -10.40
C ASN A 18 -13.49 5.24 -8.98
N SER A 19 -14.58 4.60 -8.68
CA SER A 19 -14.84 4.45 -7.26
C SER A 19 -13.86 3.26 -7.12
N ILE A 20 -12.83 3.45 -6.33
CA ILE A 20 -11.63 2.52 -6.28
C ILE A 20 -11.71 1.10 -6.85
N ILE A 21 -10.51 0.57 -7.00
CA ILE A 21 -10.27 -0.85 -7.42
C ILE A 21 -9.17 -1.34 -6.49
N VAL A 22 -9.40 -2.36 -5.71
CA VAL A 22 -8.34 -2.88 -4.78
C VAL A 22 -7.99 -4.28 -5.20
N SER A 23 -6.98 -4.89 -4.67
CA SER A 23 -6.73 -6.32 -5.05
C SER A 23 -7.19 -7.26 -3.94
N PRO A 24 -7.78 -8.38 -4.31
CA PRO A 24 -8.23 -9.37 -3.31
C PRO A 24 -7.04 -9.83 -2.50
N ARG A 25 -5.86 -9.54 -3.00
CA ARG A 25 -4.66 -9.88 -2.22
C ARG A 25 -4.59 -8.88 -1.10
N GLN A 26 -5.52 -7.95 -1.07
CA GLN A 26 -5.55 -6.92 -0.01
C GLN A 26 -6.74 -7.17 0.96
N ARG A 27 -7.57 -8.13 0.68
CA ARG A 27 -8.71 -8.42 1.62
C ARG A 27 -8.16 -8.66 3.02
N GLY A 28 -8.99 -8.97 3.96
CA GLY A 28 -8.47 -9.20 5.33
C GLY A 28 -7.97 -7.85 5.86
N ASN A 29 -6.86 -7.38 5.34
CA ASN A 29 -6.34 -6.05 5.80
C ASN A 29 -7.48 -5.13 6.29
N PRO A 30 -7.50 -4.87 7.60
CA PRO A 30 -8.57 -4.00 8.22
C PRO A 30 -8.55 -2.57 7.71
N VAL A 31 -7.52 -2.14 7.04
CA VAL A 31 -7.56 -0.77 6.52
C VAL A 31 -8.80 -0.59 5.65
N LEU A 32 -9.20 -1.61 4.94
CA LEU A 32 -10.41 -1.48 4.08
C LEU A 32 -11.60 -1.05 4.94
N LYS A 33 -11.55 -1.34 6.22
CA LYS A 33 -12.67 -0.95 7.12
C LYS A 33 -12.69 0.56 7.25
N PHE A 34 -11.63 1.24 7.01
CA PHE A 34 -11.73 2.71 7.16
C PHE A 34 -11.97 3.35 5.82
N VAL A 35 -12.09 2.55 4.80
CA VAL A 35 -12.43 3.13 3.48
C VAL A 35 -13.95 3.23 3.49
N ARG A 36 -14.45 4.23 4.18
CA ARG A 36 -15.94 4.39 4.32
C ARG A 36 -16.50 5.56 3.52
N ASN A 37 -15.80 6.63 3.42
CA ASN A 37 -16.38 7.78 2.70
C ASN A 37 -16.37 7.57 1.20
N VAL A 38 -15.65 6.62 0.69
CA VAL A 38 -15.68 6.45 -0.78
C VAL A 38 -15.95 4.99 -1.15
N PRO A 39 -16.66 4.81 -2.26
CA PRO A 39 -16.96 3.45 -2.82
C PRO A 39 -15.70 2.75 -3.35
N TRP A 40 -15.52 1.49 -3.01
CA TRP A 40 -14.32 0.76 -3.52
C TRP A 40 -14.70 -0.70 -3.78
N GLU A 41 -14.00 -1.34 -4.68
CA GLU A 41 -14.31 -2.76 -4.99
C GLU A 41 -13.07 -3.51 -5.43
N PHE A 42 -13.07 -4.81 -5.25
CA PHE A 42 -11.89 -5.65 -5.66
C PHE A 42 -11.83 -5.82 -7.19
N GLY A 43 -10.70 -5.59 -7.77
CA GLY A 43 -10.56 -5.78 -9.23
C GLY A 43 -9.24 -6.46 -9.49
N ASP A 44 -9.08 -7.01 -10.63
CA ASP A 44 -7.79 -7.68 -10.92
C ASP A 44 -6.78 -6.65 -11.46
N VAL A 45 -6.10 -5.92 -10.59
CA VAL A 45 -5.10 -4.89 -11.09
C VAL A 45 -3.67 -5.11 -10.48
N ILE A 46 -2.67 -4.67 -11.19
CA ILE A 46 -1.27 -4.87 -10.72
C ILE A 46 -0.96 -4.26 -9.33
N PRO A 47 -1.33 -3.03 -9.12
CA PRO A 47 -1.00 -2.38 -7.84
C PRO A 47 -1.96 -2.85 -6.78
N ASP A 48 -1.87 -2.26 -5.63
CA ASP A 48 -2.80 -2.60 -4.54
C ASP A 48 -4.07 -1.80 -4.73
N TYR A 49 -3.96 -0.52 -4.96
CA TYR A 49 -5.19 0.28 -5.15
C TYR A 49 -5.10 1.17 -6.36
N VAL A 50 -6.09 1.11 -7.20
CA VAL A 50 -6.13 2.03 -8.37
C VAL A 50 -6.98 3.22 -7.95
N LEU A 51 -6.42 4.40 -7.93
CA LEU A 51 -7.20 5.59 -7.47
C LEU A 51 -7.60 6.49 -8.68
N GLY A 52 -6.97 6.29 -9.84
CA GLY A 52 -7.28 7.16 -11.05
C GLY A 52 -6.69 6.49 -12.30
N GLN A 53 -7.02 6.98 -13.49
CA GLN A 53 -6.50 6.31 -14.75
C GLN A 53 -4.96 6.06 -14.70
N SER A 54 -4.19 6.87 -14.02
CA SER A 54 -2.73 6.56 -13.97
C SER A 54 -2.19 6.78 -12.60
N THR A 55 -3.04 6.77 -11.63
CA THR A 55 -2.57 6.92 -10.22
C THR A 55 -2.77 5.57 -9.53
N CYS A 56 -1.81 5.07 -8.78
CA CYS A 56 -2.01 3.76 -8.05
C CYS A 56 -1.17 3.70 -6.78
N ALA A 57 -1.61 2.98 -5.81
CA ALA A 57 -0.85 2.94 -4.54
C ALA A 57 -0.46 1.50 -4.22
N LEU A 58 0.43 1.34 -3.25
CA LEU A 58 0.90 -0.01 -2.82
C LEU A 58 0.96 0.00 -1.31
N PHE A 59 0.43 -1.00 -0.65
CA PHE A 59 0.48 -1.01 0.84
C PHE A 59 1.55 -1.98 1.31
N LEU A 60 2.27 -1.59 2.31
CA LEU A 60 3.33 -2.44 2.87
C LEU A 60 3.32 -2.21 4.38
N SER A 61 2.76 -3.11 5.14
CA SER A 61 2.67 -2.84 6.63
C SER A 61 4.00 -2.88 7.41
N LEU A 62 5.13 -2.84 6.76
CA LEU A 62 6.43 -2.88 7.51
C LEU A 62 6.51 -4.03 8.51
N ARG A 63 5.77 -4.03 9.59
CA ARG A 63 5.91 -5.19 10.53
C ARG A 63 5.93 -6.43 9.69
N TYR A 64 5.09 -6.45 8.70
CA TYR A 64 5.09 -7.58 7.75
C TYR A 64 6.37 -7.44 6.92
N HIS A 65 6.79 -6.23 6.68
CA HIS A 65 8.03 -6.01 5.86
C HIS A 65 9.20 -6.88 6.36
N ASN A 66 9.34 -7.07 7.64
CA ASN A 66 10.45 -7.94 8.11
C ASN A 66 10.16 -9.35 7.62
N LEU A 67 9.03 -9.88 8.00
CA LEU A 67 8.64 -11.24 7.51
C LEU A 67 8.60 -11.15 5.97
N HIS A 68 9.47 -11.85 5.29
CA HIS A 68 9.55 -11.77 3.79
C HIS A 68 9.43 -10.30 3.35
N PRO A 69 10.57 -9.68 3.10
CA PRO A 69 10.62 -8.26 2.70
C PRO A 69 10.67 -8.08 1.18
N ASP A 70 11.70 -8.58 0.48
CA ASP A 70 11.83 -8.38 -1.02
C ASP A 70 10.46 -8.23 -1.75
N TYR A 71 9.40 -8.71 -1.16
CA TYR A 71 8.06 -8.57 -1.79
C TYR A 71 7.79 -7.12 -2.21
N ILE A 72 7.99 -6.13 -1.34
CA ILE A 72 7.66 -4.74 -1.79
C ILE A 72 8.56 -4.34 -2.94
N HIS A 73 9.80 -4.76 -2.91
CA HIS A 73 10.71 -4.44 -4.04
C HIS A 73 10.18 -5.16 -5.28
N GLY A 74 9.94 -6.46 -5.14
CA GLY A 74 9.41 -7.27 -6.29
C GLY A 74 7.99 -6.81 -6.67
N ARG A 75 7.38 -6.01 -5.84
CA ARG A 75 6.00 -5.53 -6.16
C ARG A 75 6.09 -4.29 -7.06
N LEU A 76 7.05 -3.45 -6.85
CA LEU A 76 7.14 -2.26 -7.71
C LEU A 76 7.62 -2.66 -9.11
N GLN A 77 8.56 -3.60 -9.22
CA GLN A 77 9.04 -4.00 -10.61
C GLN A 77 7.86 -4.61 -11.38
N SER A 78 6.98 -5.28 -10.70
CA SER A 78 5.81 -5.86 -11.40
C SER A 78 4.94 -4.73 -11.94
N LEU A 79 4.68 -3.77 -11.12
CA LEU A 79 3.86 -2.63 -11.59
C LEU A 79 4.54 -1.97 -12.81
N GLY A 80 5.88 -1.95 -12.81
CA GLY A 80 6.67 -1.38 -13.96
C GLY A 80 6.47 0.12 -14.13
N LYS A 81 5.52 0.51 -14.95
CA LYS A 81 5.31 1.96 -15.21
C LYS A 81 3.88 2.26 -15.74
N ASN A 82 2.93 1.33 -15.56
CA ASN A 82 1.51 1.52 -16.12
C ASN A 82 0.77 2.75 -15.54
N PHE A 83 1.14 3.23 -14.38
CA PHE A 83 0.37 4.38 -13.80
C PHE A 83 1.24 5.59 -13.53
N ALA A 84 0.77 6.72 -13.90
CA ALA A 84 1.58 7.93 -13.66
C ALA A 84 1.80 8.18 -12.18
N LEU A 85 0.80 8.50 -11.45
CA LEU A 85 1.07 8.78 -10.02
C LEU A 85 1.25 7.51 -9.23
N ARG A 86 2.45 7.17 -8.89
CA ARG A 86 2.67 5.94 -8.09
C ARG A 86 2.88 6.39 -6.63
N VAL A 87 2.23 5.72 -5.70
CA VAL A 87 2.31 6.13 -4.25
C VAL A 87 2.50 4.90 -3.34
N LEU A 88 3.27 5.02 -2.28
CA LEU A 88 3.51 3.83 -1.34
C LEU A 88 2.88 4.09 0.06
N LEU A 89 1.72 3.56 0.35
CA LEU A 89 1.10 3.80 1.70
C LEU A 89 1.82 2.97 2.73
N VAL A 90 2.38 3.58 3.71
CA VAL A 90 3.13 2.77 4.71
C VAL A 90 2.46 2.83 6.08
N GLN A 91 2.16 1.73 6.69
CA GLN A 91 1.54 1.84 8.05
C GLN A 91 2.64 1.71 9.11
N VAL A 92 2.97 2.78 9.80
CA VAL A 92 4.06 2.67 10.84
C VAL A 92 3.53 1.92 12.06
N ASP A 93 3.55 0.62 12.00
CA ASP A 93 3.08 -0.21 13.15
C ASP A 93 4.28 -0.87 13.82
N VAL A 94 5.41 -0.19 13.86
CA VAL A 94 6.60 -0.78 14.52
C VAL A 94 7.46 0.33 15.16
N LYS A 95 7.99 0.08 16.32
CA LYS A 95 8.84 1.12 17.03
C LYS A 95 10.26 1.16 16.42
N ASP A 96 10.86 2.30 16.34
CA ASP A 96 12.24 2.39 15.73
C ASP A 96 12.24 2.05 14.23
N PRO A 97 11.26 2.54 13.55
CA PRO A 97 11.12 2.29 12.08
C PRO A 97 12.20 2.98 11.25
N GLN A 98 12.67 4.07 11.71
CA GLN A 98 13.66 4.83 10.93
C GLN A 98 14.48 3.96 9.97
N GLN A 99 15.27 3.07 10.47
CA GLN A 99 16.14 2.26 9.56
C GLN A 99 15.41 1.86 8.28
N ALA A 100 14.35 1.14 8.38
CA ALA A 100 13.66 0.68 7.16
C ALA A 100 13.23 1.87 6.29
N LEU A 101 12.52 2.81 6.85
CA LEU A 101 12.08 3.96 6.00
C LEU A 101 13.25 4.43 5.14
N LYS A 102 14.40 4.60 5.73
CA LYS A 102 15.58 5.04 4.95
C LYS A 102 15.73 4.18 3.69
N GLU A 103 15.92 2.89 3.83
CA GLU A 103 16.11 2.03 2.61
C GLU A 103 14.83 1.91 1.77
N LEU A 104 13.70 2.16 2.32
CA LEU A 104 12.50 2.10 1.48
C LEU A 104 12.48 3.36 0.65
N ALA A 105 12.73 4.49 1.28
CA ALA A 105 12.72 5.78 0.52
C ALA A 105 13.70 5.71 -0.67
N LYS A 106 14.90 5.21 -0.45
CA LYS A 106 15.90 5.10 -1.57
C LYS A 106 15.23 4.35 -2.71
N MET A 107 14.55 3.31 -2.38
CA MET A 107 13.84 2.54 -3.41
C MET A 107 12.81 3.44 -4.14
N CYS A 108 12.05 4.24 -3.40
CA CYS A 108 10.98 5.10 -4.03
C CYS A 108 11.55 6.16 -4.93
N ILE A 109 12.71 6.72 -4.64
CA ILE A 109 13.23 7.78 -5.57
C ILE A 109 13.55 7.10 -6.87
N LEU A 110 14.27 5.99 -6.81
CA LEU A 110 14.59 5.27 -8.07
C LEU A 110 13.24 4.91 -8.74
N ALA A 111 12.32 4.36 -7.98
CA ALA A 111 10.96 3.98 -8.53
C ALA A 111 10.10 5.23 -8.78
N ASP A 112 10.57 6.34 -8.34
CA ASP A 112 9.83 7.61 -8.49
C ASP A 112 8.36 7.48 -8.05
N CYS A 113 8.13 6.90 -6.90
CA CYS A 113 6.74 6.80 -6.36
C CYS A 113 6.74 7.52 -5.01
N THR A 114 5.62 8.04 -4.61
CA THR A 114 5.53 8.82 -3.32
C THR A 114 5.56 7.90 -2.09
N LEU A 115 6.13 8.38 -1.02
CA LEU A 115 6.19 7.62 0.27
C LEU A 115 5.20 8.25 1.25
N ILE A 116 4.18 7.54 1.70
CA ILE A 116 3.17 8.15 2.65
C ILE A 116 3.21 7.44 3.99
N LEU A 117 3.04 8.14 5.07
CA LEU A 117 3.15 7.43 6.38
C LEU A 117 1.88 7.44 7.22
N ALA A 118 1.39 6.28 7.53
CA ALA A 118 0.22 6.19 8.43
C ALA A 118 0.66 5.48 9.69
N TRP A 119 -0.12 5.45 10.69
CA TRP A 119 0.33 4.75 11.91
C TRP A 119 -0.75 3.82 12.41
N SER A 120 -1.92 3.93 11.84
CA SER A 120 -3.04 3.03 12.23
C SER A 120 -3.78 2.55 11.00
N PRO A 121 -4.55 1.55 11.17
CA PRO A 121 -5.32 1.07 10.05
C PRO A 121 -6.39 2.06 9.70
N GLU A 122 -6.76 2.90 10.61
CA GLU A 122 -7.74 3.95 10.25
C GLU A 122 -7.04 5.07 9.48
N GLU A 123 -5.93 5.51 9.96
CA GLU A 123 -5.21 6.60 9.27
C GLU A 123 -4.99 6.27 7.78
N ALA A 124 -4.43 5.13 7.48
CA ALA A 124 -4.22 4.80 6.05
C ALA A 124 -5.57 4.80 5.39
N GLY A 125 -6.55 4.18 6.04
CA GLY A 125 -7.92 4.17 5.47
C GLY A 125 -8.27 5.60 5.12
N ARG A 126 -7.91 6.53 5.96
CA ARG A 126 -8.22 7.95 5.63
C ARG A 126 -7.48 8.31 4.34
N TYR A 127 -6.20 8.02 4.28
CA TYR A 127 -5.39 8.35 3.07
C TYR A 127 -6.03 7.88 1.78
N LEU A 128 -6.83 6.87 1.83
CA LEU A 128 -7.48 6.37 0.59
C LEU A 128 -8.68 7.27 0.23
N GLU A 129 -9.55 7.54 1.17
CA GLU A 129 -10.71 8.41 0.83
C GLU A 129 -10.18 9.74 0.29
N THR A 130 -9.04 10.20 0.82
CA THR A 130 -8.42 11.54 0.42
C THR A 130 -7.81 11.51 -0.99
N TYR A 131 -7.23 10.43 -1.44
CA TYR A 131 -6.65 10.48 -2.82
C TYR A 131 -7.74 10.33 -3.89
N LYS A 132 -8.84 9.64 -3.57
CA LYS A 132 -9.97 9.55 -4.57
C LYS A 132 -10.80 10.84 -4.43
N ALA A 133 -10.66 11.50 -3.27
CA ALA A 133 -11.37 12.82 -3.01
C ALA A 133 -10.49 14.00 -3.54
N LYS B 1 -6.10 -13.91 12.81
CA LYS B 1 -5.27 -15.14 12.99
C LYS B 1 -3.78 -14.86 12.60
N ILE B 2 -3.04 -15.90 12.26
CA ILE B 2 -1.59 -15.73 11.92
C ILE B 2 -1.31 -16.20 10.49
N ILE B 3 -2.30 -16.10 9.64
CA ILE B 3 -2.11 -16.57 8.22
C ILE B 3 -1.62 -15.47 7.33
N ASP B 4 -0.65 -14.73 7.77
CA ASP B 4 -0.14 -13.63 6.92
C ASP B 4 -0.01 -14.09 5.46
N THR B 5 -0.94 -13.68 4.67
CA THR B 5 -0.90 -14.04 3.24
C THR B 5 0.12 -13.14 2.56
N GLY B 6 -0.20 -12.62 1.39
CA GLY B 6 0.75 -11.71 0.67
C GLY B 6 0.03 -10.40 0.30
N GLY B 7 0.70 -9.27 0.49
CA GLY B 7 0.07 -7.95 0.14
C GLY B 7 0.65 -6.80 1.00
N GLY B 8 1.84 -6.93 1.54
CA GLY B 8 2.42 -5.83 2.38
C GLY B 8 1.49 -5.52 3.50
N PHE B 9 1.16 -6.47 4.30
CA PHE B 9 0.27 -6.18 5.43
C PHE B 9 0.16 -7.38 6.35
N ILE B 10 0.34 -7.16 7.62
CA ILE B 10 0.34 -8.29 8.60
C ILE B 10 -1.05 -8.89 8.82
N LEU B 11 -1.15 -10.19 8.72
CA LEU B 11 -2.47 -10.86 8.94
C LEU B 11 -2.35 -11.97 10.00
N ASN A 18 -11.92 4.07 -10.32
CA ASN A 18 -12.97 5.14 -10.40
C ASN A 18 -13.49 5.24 -8.98
N SER A 19 -14.58 4.60 -8.68
CA SER A 19 -14.84 4.45 -7.26
C SER A 19 -13.86 3.26 -7.12
N ILE A 20 -12.83 3.45 -6.33
CA ILE A 20 -11.63 2.52 -6.28
C ILE A 20 -11.71 1.10 -6.85
N ILE A 21 -10.51 0.57 -7.00
CA ILE A 21 -10.27 -0.85 -7.42
C ILE A 21 -9.17 -1.34 -6.49
N VAL A 22 -9.40 -2.36 -5.71
CA VAL A 22 -8.34 -2.88 -4.78
C VAL A 22 -7.99 -4.28 -5.20
N SER A 23 -6.98 -4.88 -4.68
CA SER A 23 -6.73 -6.31 -5.06
C SER A 23 -7.22 -7.26 -3.97
N PRO A 24 -7.86 -8.34 -4.37
CA PRO A 24 -8.35 -9.34 -3.39
C PRO A 24 -7.17 -9.88 -2.62
N ARG A 25 -5.98 -9.54 -3.07
CA ARG A 25 -4.77 -9.92 -2.33
C ARG A 25 -4.66 -8.94 -1.18
N GLN A 26 -5.57 -8.00 -1.14
CA GLN A 26 -5.58 -6.98 -0.06
C GLN A 26 -6.76 -7.21 0.90
N ARG A 27 -7.57 -8.22 0.66
CA ARG A 27 -8.74 -8.48 1.57
C ARG A 27 -8.23 -8.62 2.99
N GLY A 28 -9.02 -9.16 3.87
CA GLY A 28 -8.58 -9.29 5.27
C GLY A 28 -8.15 -7.90 5.73
N ASN A 29 -6.91 -7.55 5.50
CA ASN A 29 -6.40 -6.17 5.87
C ASN A 29 -7.53 -5.24 6.35
N PRO A 30 -7.55 -4.92 7.64
CA PRO A 30 -8.59 -4.02 8.24
C PRO A 30 -8.56 -2.57 7.71
N VAL A 31 -7.52 -2.14 7.04
CA VAL A 31 -7.56 -0.77 6.52
C VAL A 31 -8.80 -0.59 5.65
N LEU A 32 -9.20 -1.61 4.94
CA LEU A 32 -10.41 -1.48 4.08
C LEU A 32 -11.60 -1.05 4.94
N LYS A 33 -11.55 -1.34 6.22
CA LYS A 33 -12.67 -0.95 7.12
C LYS A 33 -12.69 0.56 7.25
N PHE A 34 -11.63 1.24 7.01
CA PHE A 34 -11.73 2.71 7.16
C PHE A 34 -11.97 3.35 5.82
N VAL A 35 -12.09 2.55 4.80
CA VAL A 35 -12.43 3.13 3.48
C VAL A 35 -13.95 3.23 3.49
N ARG A 36 -14.45 4.23 4.18
CA ARG A 36 -15.94 4.39 4.32
C ARG A 36 -16.50 5.56 3.52
N ASN A 37 -15.80 6.63 3.42
CA ASN A 37 -16.38 7.78 2.70
C ASN A 37 -16.37 7.57 1.20
N VAL A 38 -15.65 6.62 0.69
CA VAL A 38 -15.68 6.45 -0.78
C VAL A 38 -15.95 4.99 -1.15
N PRO A 39 -16.66 4.81 -2.26
CA PRO A 39 -16.96 3.45 -2.82
C PRO A 39 -15.70 2.75 -3.35
N TRP A 40 -15.52 1.49 -3.01
CA TRP A 40 -14.32 0.76 -3.52
C TRP A 40 -14.70 -0.70 -3.78
N GLU A 41 -14.00 -1.34 -4.68
CA GLU A 41 -14.31 -2.76 -4.99
C GLU A 41 -13.07 -3.51 -5.43
N PHE A 42 -13.07 -4.81 -5.25
CA PHE A 42 -11.89 -5.65 -5.66
C PHE A 42 -11.83 -5.82 -7.19
N GLY A 43 -10.70 -5.59 -7.77
CA GLY A 43 -10.56 -5.78 -9.23
C GLY A 43 -9.24 -6.46 -9.49
N ASP A 44 -9.08 -7.01 -10.63
CA ASP A 44 -7.79 -7.68 -10.92
C ASP A 44 -6.78 -6.65 -11.46
N VAL A 45 -6.10 -5.92 -10.59
CA VAL A 45 -5.10 -4.89 -11.09
C VAL A 45 -3.67 -5.11 -10.48
N ILE A 46 -2.67 -4.67 -11.19
CA ILE A 46 -1.27 -4.87 -10.72
C ILE A 46 -0.96 -4.26 -9.33
N PRO A 47 -1.33 -3.03 -9.12
CA PRO A 47 -1.00 -2.38 -7.84
C PRO A 47 -1.96 -2.85 -6.78
N ASP A 48 -1.87 -2.26 -5.63
CA ASP A 48 -2.80 -2.60 -4.54
C ASP A 48 -4.07 -1.80 -4.73
N TYR A 49 -3.96 -0.52 -4.96
CA TYR A 49 -5.19 0.28 -5.15
C TYR A 49 -5.10 1.17 -6.36
N VAL A 50 -6.09 1.11 -7.20
CA VAL A 50 -6.13 2.03 -8.37
C VAL A 50 -6.98 3.22 -7.95
N LEU A 51 -6.42 4.40 -7.93
CA LEU A 51 -7.20 5.59 -7.47
C LEU A 51 -7.60 6.49 -8.68
N GLY A 52 -6.97 6.29 -9.84
CA GLY A 52 -7.28 7.16 -11.05
C GLY A 52 -6.69 6.49 -12.30
N GLN A 53 -7.02 6.98 -13.49
CA GLN A 53 -6.50 6.31 -14.75
C GLN A 53 -4.96 6.06 -14.70
N SER A 54 -4.19 6.87 -14.02
CA SER A 54 -2.73 6.56 -13.97
C SER A 54 -2.19 6.78 -12.60
N THR A 55 -3.04 6.77 -11.63
CA THR A 55 -2.57 6.92 -10.22
C THR A 55 -2.77 5.57 -9.53
N CYS A 56 -1.81 5.07 -8.78
CA CYS A 56 -2.01 3.76 -8.05
C CYS A 56 -1.17 3.70 -6.78
N ALA A 57 -1.61 2.98 -5.81
CA ALA A 57 -0.85 2.94 -4.54
C ALA A 57 -0.46 1.50 -4.22
N LEU A 58 0.43 1.34 -3.25
CA LEU A 58 0.90 -0.01 -2.82
C LEU A 58 0.96 0.00 -1.31
N PHE A 59 0.40 -0.97 -0.65
CA PHE A 59 0.46 -0.95 0.84
C PHE A 59 1.36 -2.03 1.32
N LEU A 60 2.32 -1.64 2.07
CA LEU A 60 3.24 -2.61 2.64
C LEU A 60 3.33 -2.28 4.11
N SER A 61 2.72 -3.05 4.96
CA SER A 61 2.85 -2.68 6.41
C SER A 61 4.32 -2.78 6.78
N LEU A 62 4.71 -2.45 7.96
CA LEU A 62 6.16 -2.58 8.27
C LEU A 62 6.37 -3.88 9.02
N ARG A 63 5.71 -4.08 10.13
CA ARG A 63 5.91 -5.35 10.85
C ARG A 63 6.01 -6.43 9.80
N TYR A 64 5.00 -6.57 9.02
CA TYR A 64 5.05 -7.57 7.94
C TYR A 64 6.28 -7.32 7.09
N HIS A 65 6.74 -6.11 6.99
CA HIS A 65 7.95 -5.86 6.13
C HIS A 65 9.12 -6.80 6.51
N ASN A 66 9.30 -7.08 7.77
CA ASN A 66 10.43 -8.00 8.14
C ASN A 66 10.09 -9.40 7.62
N LEU A 67 9.02 -9.99 8.09
CA LEU A 67 8.63 -11.33 7.59
C LEU A 67 8.60 -11.28 6.05
N HIS A 68 9.55 -11.92 5.41
CA HIS A 68 9.67 -11.87 3.90
C HIS A 68 9.44 -10.42 3.40
N PRO A 69 10.55 -9.73 3.15
CA PRO A 69 10.53 -8.31 2.73
C PRO A 69 10.61 -8.11 1.20
N ASP A 70 11.64 -8.63 0.53
CA ASP A 70 11.80 -8.40 -0.97
C ASP A 70 10.46 -8.23 -1.73
N TYR A 71 9.38 -8.72 -1.19
CA TYR A 71 8.07 -8.57 -1.86
C TYR A 71 7.79 -7.12 -2.23
N ILE A 72 7.99 -6.13 -1.34
CA ILE A 72 7.66 -4.74 -1.79
C ILE A 72 8.56 -4.34 -2.94
N HIS A 73 9.80 -4.76 -2.91
CA HIS A 73 10.71 -4.44 -4.04
C HIS A 73 10.18 -5.16 -5.28
N GLY A 74 9.94 -6.46 -5.14
CA GLY A 74 9.41 -7.27 -6.29
C GLY A 74 7.99 -6.81 -6.67
N ARG A 75 7.38 -6.01 -5.84
CA ARG A 75 6.00 -5.53 -6.16
C ARG A 75 6.09 -4.29 -7.06
N LEU A 76 7.05 -3.45 -6.85
CA LEU A 76 7.14 -2.26 -7.71
C LEU A 76 7.62 -2.66 -9.11
N GLN A 77 8.56 -3.60 -9.22
CA GLN A 77 9.04 -4.00 -10.61
C GLN A 77 7.86 -4.61 -11.38
N SER A 78 6.98 -5.28 -10.70
CA SER A 78 5.81 -5.86 -11.40
C SER A 78 4.94 -4.73 -11.94
N LEU A 79 4.68 -3.77 -11.12
CA LEU A 79 3.86 -2.63 -11.59
C LEU A 79 4.54 -1.97 -12.81
N GLY A 80 5.88 -1.95 -12.81
CA GLY A 80 6.67 -1.38 -13.96
C GLY A 80 6.47 0.12 -14.13
N LYS A 81 5.52 0.51 -14.95
CA LYS A 81 5.31 1.96 -15.21
C LYS A 81 3.88 2.26 -15.74
N ASN A 82 2.93 1.33 -15.56
CA ASN A 82 1.51 1.52 -16.12
C ASN A 82 0.77 2.75 -15.54
N PHE A 83 1.14 3.23 -14.38
CA PHE A 83 0.37 4.38 -13.80
C PHE A 83 1.24 5.59 -13.53
N ALA A 84 0.77 6.72 -13.90
CA ALA A 84 1.58 7.93 -13.66
C ALA A 84 1.80 8.18 -12.18
N LEU A 85 0.80 8.50 -11.45
CA LEU A 85 1.07 8.78 -10.02
C LEU A 85 1.25 7.51 -9.23
N ARG A 86 2.45 7.17 -8.89
CA ARG A 86 2.67 5.94 -8.09
C ARG A 86 2.88 6.39 -6.63
N VAL A 87 2.23 5.72 -5.70
CA VAL A 87 2.31 6.13 -4.25
C VAL A 87 2.50 4.90 -3.34
N LEU A 88 3.27 5.02 -2.28
CA LEU A 88 3.51 3.83 -1.34
C LEU A 88 2.88 4.09 0.06
N LEU A 89 1.72 3.56 0.35
CA LEU A 89 1.10 3.80 1.70
C LEU A 89 1.82 2.97 2.73
N VAL A 90 2.38 3.58 3.71
CA VAL A 90 3.13 2.77 4.71
C VAL A 90 2.46 2.83 6.08
N GLN A 91 2.16 1.73 6.69
CA GLN A 91 1.54 1.84 8.05
C GLN A 91 2.64 1.71 9.11
N VAL A 92 2.97 2.78 9.80
CA VAL A 92 4.06 2.67 10.84
C VAL A 92 3.53 1.92 12.06
N ASP A 93 3.55 0.62 12.00
CA ASP A 93 3.08 -0.21 13.15
C ASP A 93 4.28 -0.87 13.82
N VAL A 94 5.41 -0.19 13.86
CA VAL A 94 6.60 -0.78 14.52
C VAL A 94 7.46 0.33 15.16
N LYS A 95 7.99 0.08 16.32
CA LYS A 95 8.84 1.12 17.03
C LYS A 95 10.26 1.16 16.42
N ASP A 96 10.86 2.30 16.34
CA ASP A 96 12.24 2.39 15.73
C ASP A 96 12.24 2.05 14.23
N PRO A 97 11.26 2.54 13.55
CA PRO A 97 11.12 2.29 12.08
C PRO A 97 12.20 2.98 11.25
N GLN A 98 12.67 4.07 11.71
CA GLN A 98 13.66 4.83 10.93
C GLN A 98 14.48 3.96 9.97
N GLN A 99 15.27 3.07 10.47
CA GLN A 99 16.14 2.26 9.56
C GLN A 99 15.41 1.86 8.28
N ALA A 100 14.35 1.14 8.38
CA ALA A 100 13.66 0.68 7.16
C ALA A 100 13.23 1.87 6.29
N LEU A 101 12.52 2.81 6.85
CA LEU A 101 12.08 3.96 6.00
C LEU A 101 13.25 4.43 5.14
N LYS A 102 14.40 4.60 5.73
CA LYS A 102 15.58 5.04 4.95
C LYS A 102 15.73 4.18 3.69
N GLU A 103 15.92 2.89 3.83
CA GLU A 103 16.11 2.03 2.61
C GLU A 103 14.83 1.91 1.77
N LEU A 104 13.70 2.16 2.32
CA LEU A 104 12.50 2.10 1.48
C LEU A 104 12.48 3.36 0.65
N ALA A 105 12.73 4.49 1.28
CA ALA A 105 12.72 5.78 0.52
C ALA A 105 13.70 5.71 -0.67
N LYS A 106 14.90 5.21 -0.45
CA LYS A 106 15.90 5.10 -1.57
C LYS A 106 15.23 4.35 -2.71
N MET A 107 14.55 3.31 -2.38
CA MET A 107 13.84 2.54 -3.41
C MET A 107 12.81 3.44 -4.14
N CYS A 108 12.05 4.24 -3.40
CA CYS A 108 10.98 5.10 -4.03
C CYS A 108 11.55 6.16 -4.93
N ILE A 109 12.71 6.72 -4.64
CA ILE A 109 13.23 7.78 -5.57
C ILE A 109 13.55 7.10 -6.87
N LEU A 110 14.27 5.99 -6.81
CA LEU A 110 14.59 5.27 -8.07
C LEU A 110 13.24 4.91 -8.74
N ALA A 111 12.32 4.36 -7.98
CA ALA A 111 10.96 3.98 -8.53
C ALA A 111 10.10 5.23 -8.78
N ASP A 112 10.57 6.34 -8.34
CA ASP A 112 9.83 7.61 -8.49
C ASP A 112 8.36 7.48 -8.05
N CYS A 113 8.13 6.90 -6.90
CA CYS A 113 6.74 6.80 -6.36
C CYS A 113 6.74 7.52 -5.01
N THR A 114 5.62 8.04 -4.61
CA THR A 114 5.53 8.82 -3.32
C THR A 114 5.56 7.90 -2.09
N LEU A 115 6.13 8.38 -1.02
CA LEU A 115 6.19 7.62 0.27
C LEU A 115 5.20 8.25 1.25
N ILE A 116 4.18 7.54 1.70
CA ILE A 116 3.17 8.15 2.65
C ILE A 116 3.21 7.44 3.99
N LEU A 117 3.04 8.14 5.07
CA LEU A 117 3.15 7.43 6.38
C LEU A 117 1.88 7.44 7.22
N ALA A 118 1.39 6.28 7.53
CA ALA A 118 0.22 6.19 8.43
C ALA A 118 0.66 5.48 9.69
N TRP A 119 -0.12 5.45 10.69
CA TRP A 119 0.33 4.75 11.91
C TRP A 119 -0.75 3.82 12.41
N SER A 120 -1.92 3.93 11.84
CA SER A 120 -3.04 3.03 12.23
C SER A 120 -3.78 2.55 11.00
N PRO A 121 -4.55 1.55 11.17
CA PRO A 121 -5.32 1.07 10.05
C PRO A 121 -6.39 2.06 9.70
N GLU A 122 -6.76 2.90 10.61
CA GLU A 122 -7.74 3.95 10.25
C GLU A 122 -7.04 5.07 9.48
N GLU A 123 -5.93 5.51 9.96
CA GLU A 123 -5.21 6.60 9.27
C GLU A 123 -4.99 6.27 7.78
N ALA A 124 -4.43 5.13 7.48
CA ALA A 124 -4.22 4.80 6.05
C ALA A 124 -5.57 4.80 5.39
N GLY A 125 -6.55 4.18 6.04
CA GLY A 125 -7.92 4.17 5.47
C GLY A 125 -8.27 5.60 5.12
N ARG A 126 -7.91 6.53 5.96
CA ARG A 126 -8.22 7.95 5.63
C ARG A 126 -7.48 8.31 4.34
N TYR A 127 -6.20 8.02 4.28
CA TYR A 127 -5.39 8.35 3.07
C TYR A 127 -6.03 7.88 1.78
N LEU A 128 -6.83 6.87 1.83
CA LEU A 128 -7.48 6.37 0.59
C LEU A 128 -8.68 7.27 0.23
N GLU A 129 -9.55 7.54 1.17
CA GLU A 129 -10.71 8.41 0.83
C GLU A 129 -10.18 9.74 0.29
N THR A 130 -9.04 10.20 0.82
CA THR A 130 -8.42 11.54 0.42
C THR A 130 -7.81 11.51 -0.99
N TYR A 131 -7.23 10.43 -1.44
CA TYR A 131 -6.65 10.48 -2.82
C TYR A 131 -7.74 10.33 -3.89
N LYS A 132 -8.84 9.64 -3.57
CA LYS A 132 -9.97 9.55 -4.57
C LYS A 132 -10.80 10.84 -4.43
N ALA A 133 -10.66 11.50 -3.27
CA ALA A 133 -11.37 12.82 -3.01
C ALA A 133 -10.49 14.00 -3.54
N LYS B 1 -6.43 -14.27 12.72
CA LYS B 1 -5.48 -15.40 13.00
C LYS B 1 -4.01 -14.98 12.67
N ILE B 2 -3.16 -15.94 12.33
CA ILE B 2 -1.72 -15.64 11.99
C ILE B 2 -1.38 -16.20 10.60
N ILE B 3 -2.30 -16.07 9.67
CA ILE B 3 -2.08 -16.63 8.29
C ILE B 3 -1.51 -15.59 7.37
N ASP B 4 -0.72 -14.71 7.88
CA ASP B 4 -0.16 -13.66 7.01
C ASP B 4 -0.03 -14.17 5.57
N THR B 5 -0.89 -13.67 4.73
CA THR B 5 -0.88 -14.08 3.31
C THR B 5 0.16 -13.21 2.58
N GLY B 6 -0.23 -12.58 1.49
CA GLY B 6 0.72 -11.70 0.73
C GLY B 6 0.00 -10.42 0.32
N GLY B 7 0.64 -9.28 0.53
CA GLY B 7 0.01 -7.97 0.15
C GLY B 7 0.56 -6.82 1.03
N GLY B 8 1.79 -6.88 1.46
CA GLY B 8 2.35 -5.77 2.31
C GLY B 8 1.43 -5.43 3.44
N PHE B 9 1.13 -6.37 4.27
CA PHE B 9 0.25 -6.07 5.40
C PHE B 9 0.16 -7.29 6.31
N ILE B 10 0.36 -7.08 7.58
CA ILE B 10 0.36 -8.22 8.55
C ILE B 10 -1.02 -8.84 8.74
N LEU B 11 -1.09 -10.15 8.75
CA LEU B 11 -2.41 -10.81 8.92
C LEU B 11 -2.34 -11.95 9.95
N ASN A 18 -11.92 4.07 -10.32
CA ASN A 18 -12.97 5.14 -10.40
C ASN A 18 -13.49 5.24 -8.98
N SER A 19 -14.58 4.60 -8.68
CA SER A 19 -14.84 4.45 -7.26
C SER A 19 -13.86 3.26 -7.12
N ILE A 20 -12.83 3.45 -6.33
CA ILE A 20 -11.63 2.52 -6.28
C ILE A 20 -11.71 1.10 -6.85
N ILE A 21 -10.51 0.57 -7.00
CA ILE A 21 -10.27 -0.85 -7.42
C ILE A 21 -9.17 -1.34 -6.49
N VAL A 22 -9.40 -2.36 -5.71
CA VAL A 22 -8.34 -2.88 -4.78
C VAL A 22 -7.99 -4.28 -5.20
N SER A 23 -6.95 -4.86 -4.68
CA SER A 23 -6.67 -6.27 -5.07
C SER A 23 -7.12 -7.24 -3.97
N PRO A 24 -7.64 -8.38 -4.37
CA PRO A 24 -8.07 -9.39 -3.39
C PRO A 24 -6.85 -9.84 -2.63
N ARG A 25 -5.68 -9.56 -3.16
CA ARG A 25 -4.44 -9.90 -2.40
C ARG A 25 -4.36 -8.91 -1.26
N GLN A 26 -5.23 -7.92 -1.30
CA GLN A 26 -5.29 -6.90 -0.24
C GLN A 26 -6.50 -7.15 0.66
N ARG A 27 -7.25 -8.21 0.39
CA ARG A 27 -8.46 -8.51 1.22
C ARG A 27 -8.07 -8.62 2.70
N GLY A 28 -8.93 -9.18 3.53
CA GLY A 28 -8.59 -9.23 4.97
C GLY A 28 -8.14 -7.82 5.29
N ASN A 29 -7.00 -7.63 5.87
CA ASN A 29 -6.49 -6.24 6.10
C ASN A 29 -7.58 -5.23 6.54
N PRO A 30 -7.57 -4.89 7.79
CA PRO A 30 -8.59 -3.95 8.36
C PRO A 30 -8.54 -2.53 7.76
N VAL A 31 -7.52 -2.14 7.04
CA VAL A 31 -7.56 -0.77 6.52
C VAL A 31 -8.80 -0.59 5.65
N LEU A 32 -9.20 -1.61 4.94
CA LEU A 32 -10.41 -1.48 4.08
C LEU A 32 -11.60 -1.05 4.94
N LYS A 33 -11.55 -1.34 6.22
CA LYS A 33 -12.67 -0.95 7.12
C LYS A 33 -12.69 0.56 7.25
N PHE A 34 -11.63 1.24 7.01
CA PHE A 34 -11.73 2.71 7.16
C PHE A 34 -11.97 3.35 5.82
N VAL A 35 -12.09 2.55 4.80
CA VAL A 35 -12.43 3.13 3.48
C VAL A 35 -13.95 3.23 3.49
N ARG A 36 -14.45 4.23 4.18
CA ARG A 36 -15.94 4.39 4.32
C ARG A 36 -16.50 5.56 3.52
N ASN A 37 -15.80 6.63 3.42
CA ASN A 37 -16.38 7.78 2.70
C ASN A 37 -16.37 7.57 1.20
N VAL A 38 -15.65 6.62 0.69
CA VAL A 38 -15.68 6.45 -0.78
C VAL A 38 -15.95 4.99 -1.15
N PRO A 39 -16.66 4.81 -2.26
CA PRO A 39 -16.96 3.45 -2.82
C PRO A 39 -15.70 2.75 -3.35
N TRP A 40 -15.52 1.49 -3.01
CA TRP A 40 -14.32 0.76 -3.52
C TRP A 40 -14.70 -0.70 -3.78
N GLU A 41 -14.00 -1.34 -4.68
CA GLU A 41 -14.31 -2.76 -4.99
C GLU A 41 -13.07 -3.51 -5.43
N PHE A 42 -13.07 -4.81 -5.25
CA PHE A 42 -11.89 -5.65 -5.66
C PHE A 42 -11.83 -5.82 -7.19
N GLY A 43 -10.70 -5.59 -7.77
CA GLY A 43 -10.56 -5.78 -9.23
C GLY A 43 -9.24 -6.46 -9.49
N ASP A 44 -9.08 -7.01 -10.63
CA ASP A 44 -7.79 -7.68 -10.92
C ASP A 44 -6.78 -6.65 -11.46
N VAL A 45 -6.10 -5.92 -10.59
CA VAL A 45 -5.10 -4.89 -11.09
C VAL A 45 -3.67 -5.11 -10.48
N ILE A 46 -2.67 -4.67 -11.19
CA ILE A 46 -1.27 -4.87 -10.72
C ILE A 46 -0.96 -4.26 -9.33
N PRO A 47 -1.33 -3.03 -9.12
CA PRO A 47 -1.00 -2.38 -7.84
C PRO A 47 -1.96 -2.85 -6.78
N ASP A 48 -1.87 -2.26 -5.63
CA ASP A 48 -2.80 -2.60 -4.54
C ASP A 48 -4.07 -1.80 -4.73
N TYR A 49 -3.96 -0.52 -4.96
CA TYR A 49 -5.19 0.28 -5.15
C TYR A 49 -5.10 1.17 -6.36
N VAL A 50 -6.09 1.11 -7.20
CA VAL A 50 -6.13 2.03 -8.37
C VAL A 50 -6.98 3.22 -7.95
N LEU A 51 -6.42 4.40 -7.93
CA LEU A 51 -7.20 5.59 -7.47
C LEU A 51 -7.60 6.49 -8.68
N GLY A 52 -6.97 6.29 -9.84
CA GLY A 52 -7.28 7.16 -11.05
C GLY A 52 -6.69 6.49 -12.30
N GLN A 53 -7.02 6.98 -13.49
CA GLN A 53 -6.50 6.31 -14.75
C GLN A 53 -4.96 6.06 -14.70
N SER A 54 -4.19 6.87 -14.02
CA SER A 54 -2.73 6.56 -13.97
C SER A 54 -2.19 6.78 -12.60
N THR A 55 -3.04 6.77 -11.63
CA THR A 55 -2.57 6.92 -10.22
C THR A 55 -2.77 5.57 -9.53
N CYS A 56 -1.81 5.07 -8.78
CA CYS A 56 -2.01 3.76 -8.05
C CYS A 56 -1.17 3.70 -6.78
N ALA A 57 -1.61 2.98 -5.81
CA ALA A 57 -0.85 2.94 -4.54
C ALA A 57 -0.46 1.50 -4.22
N LEU A 58 0.43 1.34 -3.25
CA LEU A 58 0.90 -0.01 -2.82
C LEU A 58 0.96 0.00 -1.31
N PHE A 59 0.43 -0.98 -0.62
CA PHE A 59 0.50 -0.96 0.88
C PHE A 59 1.50 -1.97 1.41
N LEU A 60 2.35 -1.50 2.25
CA LEU A 60 3.35 -2.36 2.88
C LEU A 60 3.25 -2.15 4.40
N SER A 61 2.68 -3.06 5.12
CA SER A 61 2.56 -2.79 6.61
C SER A 61 3.89 -2.82 7.37
N LEU A 62 4.98 -3.00 6.70
CA LEU A 62 6.31 -3.06 7.38
C LEU A 62 6.39 -4.22 8.35
N ARG A 63 5.72 -4.22 9.49
CA ARG A 63 5.87 -5.41 10.39
C ARG A 63 5.96 -6.61 9.48
N TYR A 64 4.96 -6.80 8.65
CA TYR A 64 5.02 -7.90 7.65
C TYR A 64 6.28 -7.68 6.79
N HIS A 65 6.59 -6.46 6.40
CA HIS A 65 7.82 -6.19 5.56
C HIS A 65 9.01 -7.07 5.98
N ASN A 66 9.15 -7.29 7.25
CA ASN A 66 10.28 -8.13 7.73
C ASN A 66 10.09 -9.56 7.24
N LEU A 67 9.04 -10.22 7.68
CA LEU A 67 8.79 -11.64 7.25
C LEU A 67 9.09 -11.84 5.75
N HIS A 68 8.99 -10.79 4.97
CA HIS A 68 9.30 -10.90 3.51
C HIS A 68 9.61 -9.51 2.99
N PRO A 69 10.88 -9.21 2.86
CA PRO A 69 11.30 -7.87 2.38
C PRO A 69 11.28 -7.76 0.84
N ASP A 70 11.92 -8.65 0.12
CA ASP A 70 11.92 -8.54 -1.38
C ASP A 70 10.49 -8.35 -1.96
N TYR A 71 9.49 -8.69 -1.21
CA TYR A 71 8.09 -8.53 -1.71
C TYR A 71 7.81 -7.12 -2.18
N ILE A 72 7.99 -6.13 -1.34
CA ILE A 72 7.66 -4.74 -1.79
C ILE A 72 8.56 -4.34 -2.94
N HIS A 73 9.80 -4.76 -2.91
CA HIS A 73 10.71 -4.44 -4.04
C HIS A 73 10.18 -5.16 -5.28
N GLY A 74 9.94 -6.46 -5.14
CA GLY A 74 9.41 -7.27 -6.29
C GLY A 74 7.99 -6.81 -6.67
N ARG A 75 7.38 -6.01 -5.84
CA ARG A 75 6.00 -5.53 -6.16
C ARG A 75 6.09 -4.29 -7.06
N LEU A 76 7.05 -3.45 -6.85
CA LEU A 76 7.14 -2.26 -7.71
C LEU A 76 7.62 -2.66 -9.11
N GLN A 77 8.56 -3.60 -9.22
CA GLN A 77 9.04 -4.00 -10.61
C GLN A 77 7.86 -4.61 -11.38
N SER A 78 6.98 -5.28 -10.70
CA SER A 78 5.81 -5.86 -11.40
C SER A 78 4.94 -4.73 -11.94
N LEU A 79 4.68 -3.77 -11.12
CA LEU A 79 3.86 -2.63 -11.59
C LEU A 79 4.54 -1.97 -12.81
N GLY A 80 5.88 -1.95 -12.81
CA GLY A 80 6.67 -1.38 -13.96
C GLY A 80 6.47 0.12 -14.13
N LYS A 81 5.52 0.51 -14.95
CA LYS A 81 5.31 1.96 -15.21
C LYS A 81 3.88 2.26 -15.74
N ASN A 82 2.93 1.33 -15.56
CA ASN A 82 1.51 1.52 -16.12
C ASN A 82 0.77 2.75 -15.54
N PHE A 83 1.14 3.23 -14.38
CA PHE A 83 0.37 4.38 -13.80
C PHE A 83 1.24 5.59 -13.53
N ALA A 84 0.77 6.72 -13.90
CA ALA A 84 1.58 7.93 -13.66
C ALA A 84 1.80 8.18 -12.18
N LEU A 85 0.80 8.50 -11.45
CA LEU A 85 1.07 8.78 -10.02
C LEU A 85 1.25 7.51 -9.23
N ARG A 86 2.45 7.17 -8.89
CA ARG A 86 2.67 5.94 -8.09
C ARG A 86 2.88 6.39 -6.63
N VAL A 87 2.23 5.72 -5.70
CA VAL A 87 2.31 6.13 -4.25
C VAL A 87 2.50 4.90 -3.34
N LEU A 88 3.27 5.02 -2.28
CA LEU A 88 3.51 3.83 -1.34
C LEU A 88 2.88 4.09 0.06
N LEU A 89 1.72 3.56 0.35
CA LEU A 89 1.10 3.80 1.70
C LEU A 89 1.82 2.97 2.73
N VAL A 90 2.38 3.58 3.71
CA VAL A 90 3.13 2.77 4.71
C VAL A 90 2.46 2.83 6.08
N GLN A 91 2.16 1.73 6.69
CA GLN A 91 1.54 1.84 8.05
C GLN A 91 2.64 1.71 9.11
N VAL A 92 2.97 2.78 9.80
CA VAL A 92 4.06 2.67 10.84
C VAL A 92 3.53 1.92 12.06
N ASP A 93 3.55 0.62 12.00
CA ASP A 93 3.08 -0.21 13.15
C ASP A 93 4.28 -0.87 13.82
N VAL A 94 5.41 -0.19 13.86
CA VAL A 94 6.60 -0.78 14.52
C VAL A 94 7.46 0.33 15.16
N LYS A 95 7.99 0.08 16.32
CA LYS A 95 8.84 1.12 17.03
C LYS A 95 10.26 1.16 16.42
N ASP A 96 10.86 2.30 16.34
CA ASP A 96 12.24 2.39 15.73
C ASP A 96 12.24 2.05 14.23
N PRO A 97 11.26 2.54 13.55
CA PRO A 97 11.12 2.29 12.08
C PRO A 97 12.20 2.98 11.25
N GLN A 98 12.67 4.07 11.71
CA GLN A 98 13.66 4.83 10.93
C GLN A 98 14.48 3.96 9.97
N GLN A 99 15.27 3.07 10.47
CA GLN A 99 16.14 2.26 9.56
C GLN A 99 15.41 1.86 8.28
N ALA A 100 14.35 1.14 8.38
CA ALA A 100 13.66 0.68 7.16
C ALA A 100 13.23 1.87 6.29
N LEU A 101 12.52 2.81 6.85
CA LEU A 101 12.08 3.96 6.00
C LEU A 101 13.25 4.43 5.14
N LYS A 102 14.40 4.60 5.73
CA LYS A 102 15.58 5.04 4.95
C LYS A 102 15.73 4.18 3.69
N GLU A 103 15.92 2.89 3.83
CA GLU A 103 16.11 2.03 2.61
C GLU A 103 14.83 1.91 1.77
N LEU A 104 13.70 2.16 2.32
CA LEU A 104 12.50 2.10 1.48
C LEU A 104 12.48 3.36 0.65
N ALA A 105 12.73 4.49 1.28
CA ALA A 105 12.72 5.78 0.52
C ALA A 105 13.70 5.71 -0.67
N LYS A 106 14.90 5.21 -0.45
CA LYS A 106 15.90 5.10 -1.57
C LYS A 106 15.23 4.35 -2.71
N MET A 107 14.55 3.31 -2.38
CA MET A 107 13.84 2.54 -3.41
C MET A 107 12.81 3.44 -4.14
N CYS A 108 12.05 4.24 -3.40
CA CYS A 108 10.98 5.10 -4.03
C CYS A 108 11.55 6.16 -4.93
N ILE A 109 12.71 6.72 -4.64
CA ILE A 109 13.23 7.78 -5.57
C ILE A 109 13.55 7.10 -6.87
N LEU A 110 14.27 5.99 -6.81
CA LEU A 110 14.59 5.27 -8.07
C LEU A 110 13.24 4.91 -8.74
N ALA A 111 12.32 4.36 -7.98
CA ALA A 111 10.96 3.98 -8.53
C ALA A 111 10.10 5.23 -8.78
N ASP A 112 10.57 6.34 -8.34
CA ASP A 112 9.83 7.61 -8.49
C ASP A 112 8.36 7.48 -8.05
N CYS A 113 8.13 6.90 -6.90
CA CYS A 113 6.74 6.80 -6.36
C CYS A 113 6.74 7.52 -5.01
N THR A 114 5.62 8.04 -4.61
CA THR A 114 5.53 8.82 -3.32
C THR A 114 5.56 7.90 -2.09
N LEU A 115 6.13 8.38 -1.02
CA LEU A 115 6.19 7.62 0.27
C LEU A 115 5.20 8.25 1.25
N ILE A 116 4.18 7.54 1.70
CA ILE A 116 3.17 8.15 2.65
C ILE A 116 3.21 7.44 3.99
N LEU A 117 3.04 8.14 5.07
CA LEU A 117 3.15 7.43 6.38
C LEU A 117 1.88 7.44 7.22
N ALA A 118 1.39 6.28 7.53
CA ALA A 118 0.22 6.19 8.43
C ALA A 118 0.66 5.48 9.69
N TRP A 119 -0.12 5.45 10.69
CA TRP A 119 0.33 4.75 11.91
C TRP A 119 -0.75 3.82 12.41
N SER A 120 -1.92 3.93 11.84
CA SER A 120 -3.04 3.03 12.23
C SER A 120 -3.78 2.55 11.00
N PRO A 121 -4.55 1.55 11.17
CA PRO A 121 -5.32 1.07 10.05
C PRO A 121 -6.39 2.06 9.70
N GLU A 122 -6.76 2.90 10.61
CA GLU A 122 -7.74 3.95 10.25
C GLU A 122 -7.04 5.07 9.48
N GLU A 123 -5.93 5.51 9.96
CA GLU A 123 -5.21 6.60 9.27
C GLU A 123 -4.99 6.27 7.78
N ALA A 124 -4.43 5.13 7.48
CA ALA A 124 -4.22 4.80 6.05
C ALA A 124 -5.57 4.80 5.39
N GLY A 125 -6.55 4.18 6.04
CA GLY A 125 -7.92 4.17 5.47
C GLY A 125 -8.27 5.60 5.12
N ARG A 126 -7.91 6.53 5.96
CA ARG A 126 -8.22 7.95 5.63
C ARG A 126 -7.48 8.31 4.34
N TYR A 127 -6.20 8.02 4.28
CA TYR A 127 -5.39 8.35 3.07
C TYR A 127 -6.03 7.88 1.78
N LEU A 128 -6.83 6.87 1.83
CA LEU A 128 -7.48 6.37 0.59
C LEU A 128 -8.68 7.27 0.23
N GLU A 129 -9.55 7.54 1.17
CA GLU A 129 -10.71 8.41 0.83
C GLU A 129 -10.18 9.74 0.29
N THR A 130 -9.04 10.20 0.82
CA THR A 130 -8.42 11.54 0.42
C THR A 130 -7.81 11.51 -0.99
N TYR A 131 -7.23 10.43 -1.44
CA TYR A 131 -6.65 10.48 -2.82
C TYR A 131 -7.74 10.33 -3.89
N LYS A 132 -8.84 9.64 -3.57
CA LYS A 132 -9.97 9.55 -4.57
C LYS A 132 -10.80 10.84 -4.43
N ALA A 133 -10.66 11.50 -3.27
CA ALA A 133 -11.37 12.82 -3.01
C ALA A 133 -10.49 14.00 -3.54
N LYS B 1 -7.49 -18.15 13.75
CA LYS B 1 -6.16 -18.32 13.07
C LYS B 1 -5.74 -17.03 12.34
N ILE B 2 -5.46 -15.96 13.09
CA ILE B 2 -5.04 -14.66 12.44
C ILE B 2 -3.52 -14.67 12.13
N ILE B 3 -3.14 -15.43 11.12
CA ILE B 3 -1.71 -15.52 10.71
C ILE B 3 -1.52 -15.10 9.22
N ASP B 4 -0.61 -14.19 9.04
CA ASP B 4 -0.26 -13.58 7.71
C ASP B 4 -0.56 -14.41 6.45
N THR B 5 -0.46 -13.70 5.35
CA THR B 5 -0.67 -14.26 3.99
C THR B 5 0.26 -13.49 3.03
N GLY B 6 -0.27 -12.73 2.06
CA GLY B 6 0.64 -11.98 1.13
C GLY B 6 -0.02 -10.70 0.55
N GLY B 7 0.57 -9.54 0.83
CA GLY B 7 0.03 -8.23 0.29
C GLY B 7 0.59 -7.00 1.08
N GLY B 8 1.82 -7.03 1.54
CA GLY B 8 2.38 -5.84 2.30
C GLY B 8 1.45 -5.47 3.39
N PHE B 9 1.11 -6.39 4.22
CA PHE B 9 0.21 -6.07 5.32
C PHE B 9 0.10 -7.27 6.23
N ILE B 10 0.52 -7.10 7.45
CA ILE B 10 0.53 -8.23 8.42
C ILE B 10 -0.87 -8.72 8.72
N LEU B 11 -1.07 -9.99 8.66
CA LEU B 11 -2.42 -10.53 8.95
C LEU B 11 -2.37 -11.37 10.24
N ASN A 18 -11.92 4.07 -10.32
CA ASN A 18 -12.97 5.14 -10.40
C ASN A 18 -13.49 5.24 -8.98
N SER A 19 -14.58 4.60 -8.68
CA SER A 19 -14.84 4.45 -7.26
C SER A 19 -13.86 3.26 -7.12
N ILE A 20 -12.83 3.45 -6.33
CA ILE A 20 -11.63 2.52 -6.28
C ILE A 20 -11.71 1.10 -6.85
N ILE A 21 -10.51 0.57 -7.00
CA ILE A 21 -10.27 -0.85 -7.42
C ILE A 21 -9.17 -1.34 -6.49
N VAL A 22 -9.40 -2.36 -5.71
CA VAL A 22 -8.34 -2.88 -4.78
C VAL A 22 -7.99 -4.28 -5.20
N SER A 23 -6.97 -4.88 -4.66
CA SER A 23 -6.70 -6.31 -5.05
C SER A 23 -7.27 -7.27 -4.01
N PRO A 24 -7.86 -8.36 -4.50
CA PRO A 24 -8.41 -9.40 -3.59
C PRO A 24 -7.28 -9.97 -2.75
N ARG A 25 -6.06 -9.64 -3.09
CA ARG A 25 -4.90 -10.09 -2.29
C ARG A 25 -4.69 -9.03 -1.23
N GLN A 26 -5.62 -8.09 -1.17
CA GLN A 26 -5.56 -7.01 -0.15
C GLN A 26 -6.71 -7.23 0.85
N ARG A 27 -7.56 -8.21 0.62
CA ARG A 27 -8.70 -8.47 1.56
C ARG A 27 -8.19 -8.56 2.98
N GLY A 28 -8.97 -9.13 3.86
CA GLY A 28 -8.51 -9.23 5.27
C GLY A 28 -8.07 -7.84 5.71
N ASN A 29 -6.80 -7.56 5.66
CA ASN A 29 -6.28 -6.20 6.04
C ASN A 29 -7.43 -5.22 6.44
N PRO A 30 -7.50 -4.90 7.72
CA PRO A 30 -8.56 -4.00 8.26
C PRO A 30 -8.54 -2.56 7.72
N VAL A 31 -7.52 -2.14 7.04
CA VAL A 31 -7.56 -0.77 6.52
C VAL A 31 -8.80 -0.59 5.65
N LEU A 32 -9.20 -1.61 4.94
CA LEU A 32 -10.41 -1.48 4.08
C LEU A 32 -11.60 -1.05 4.94
N LYS A 33 -11.55 -1.34 6.22
CA LYS A 33 -12.67 -0.95 7.12
C LYS A 33 -12.69 0.56 7.25
N PHE A 34 -11.63 1.24 7.01
CA PHE A 34 -11.73 2.71 7.16
C PHE A 34 -11.97 3.35 5.82
N VAL A 35 -12.09 2.55 4.80
CA VAL A 35 -12.43 3.13 3.48
C VAL A 35 -13.95 3.23 3.49
N ARG A 36 -14.45 4.23 4.18
CA ARG A 36 -15.94 4.39 4.32
C ARG A 36 -16.50 5.56 3.52
N ASN A 37 -15.80 6.63 3.42
CA ASN A 37 -16.38 7.78 2.70
C ASN A 37 -16.37 7.57 1.20
N VAL A 38 -15.65 6.62 0.69
CA VAL A 38 -15.68 6.45 -0.78
C VAL A 38 -15.95 4.99 -1.15
N PRO A 39 -16.66 4.81 -2.26
CA PRO A 39 -16.96 3.45 -2.82
C PRO A 39 -15.70 2.75 -3.35
N TRP A 40 -15.52 1.49 -3.01
CA TRP A 40 -14.32 0.76 -3.52
C TRP A 40 -14.70 -0.70 -3.78
N GLU A 41 -14.00 -1.34 -4.68
CA GLU A 41 -14.31 -2.76 -4.99
C GLU A 41 -13.07 -3.51 -5.43
N PHE A 42 -13.07 -4.81 -5.25
CA PHE A 42 -11.89 -5.65 -5.66
C PHE A 42 -11.83 -5.82 -7.19
N GLY A 43 -10.70 -5.59 -7.77
CA GLY A 43 -10.56 -5.78 -9.23
C GLY A 43 -9.24 -6.46 -9.49
N ASP A 44 -9.08 -7.01 -10.63
CA ASP A 44 -7.79 -7.68 -10.92
C ASP A 44 -6.78 -6.65 -11.46
N VAL A 45 -6.10 -5.92 -10.59
CA VAL A 45 -5.10 -4.89 -11.09
C VAL A 45 -3.67 -5.11 -10.48
N ILE A 46 -2.67 -4.67 -11.19
CA ILE A 46 -1.27 -4.87 -10.72
C ILE A 46 -0.96 -4.26 -9.33
N PRO A 47 -1.33 -3.03 -9.12
CA PRO A 47 -1.00 -2.38 -7.84
C PRO A 47 -1.96 -2.85 -6.78
N ASP A 48 -1.87 -2.26 -5.63
CA ASP A 48 -2.80 -2.60 -4.54
C ASP A 48 -4.07 -1.80 -4.73
N TYR A 49 -3.96 -0.52 -4.96
CA TYR A 49 -5.19 0.28 -5.15
C TYR A 49 -5.10 1.17 -6.36
N VAL A 50 -6.09 1.11 -7.20
CA VAL A 50 -6.13 2.03 -8.37
C VAL A 50 -6.98 3.22 -7.95
N LEU A 51 -6.42 4.40 -7.93
CA LEU A 51 -7.20 5.59 -7.47
C LEU A 51 -7.60 6.49 -8.68
N GLY A 52 -6.97 6.29 -9.84
CA GLY A 52 -7.28 7.16 -11.05
C GLY A 52 -6.69 6.49 -12.30
N GLN A 53 -7.02 6.98 -13.49
CA GLN A 53 -6.50 6.31 -14.75
C GLN A 53 -4.96 6.06 -14.70
N SER A 54 -4.19 6.87 -14.02
CA SER A 54 -2.73 6.56 -13.97
C SER A 54 -2.19 6.78 -12.60
N THR A 55 -3.04 6.77 -11.63
CA THR A 55 -2.57 6.92 -10.22
C THR A 55 -2.77 5.57 -9.53
N CYS A 56 -1.81 5.07 -8.78
CA CYS A 56 -2.01 3.76 -8.05
C CYS A 56 -1.17 3.70 -6.78
N ALA A 57 -1.61 2.98 -5.81
CA ALA A 57 -0.85 2.94 -4.54
C ALA A 57 -0.46 1.50 -4.22
N LEU A 58 0.43 1.34 -3.25
CA LEU A 58 0.90 -0.01 -2.82
C LEU A 58 0.96 0.00 -1.31
N PHE A 59 0.42 -1.00 -0.64
CA PHE A 59 0.48 -1.00 0.85
C PHE A 59 1.48 -2.02 1.36
N LEU A 60 2.30 -1.59 2.27
CA LEU A 60 3.32 -2.48 2.86
C LEU A 60 3.29 -2.24 4.37
N SER A 61 2.70 -3.12 5.13
CA SER A 61 2.63 -2.83 6.63
C SER A 61 3.96 -2.97 7.40
N LEU A 62 5.05 -2.50 6.86
CA LEU A 62 6.39 -2.59 7.59
C LEU A 62 6.51 -3.82 8.50
N ARG A 63 5.75 -3.92 9.58
CA ARG A 63 5.91 -5.12 10.44
C ARG A 63 6.01 -6.31 9.52
N TYR A 64 4.97 -6.60 8.80
CA TYR A 64 5.05 -7.70 7.82
C TYR A 64 6.27 -7.47 6.91
N HIS A 65 6.74 -6.25 6.77
CA HIS A 65 7.93 -6.01 5.88
C HIS A 65 9.12 -6.91 6.28
N ASN A 66 9.34 -7.11 7.55
CA ASN A 66 10.47 -8.01 7.96
C ASN A 66 10.13 -9.40 7.43
N LEU A 67 9.09 -9.99 7.93
CA LEU A 67 8.68 -11.34 7.41
C LEU A 67 8.67 -11.27 5.87
N HIS A 68 9.61 -11.90 5.22
CA HIS A 68 9.72 -11.81 3.71
C HIS A 68 9.55 -10.35 3.26
N PRO A 69 10.68 -9.68 3.06
CA PRO A 69 10.69 -8.26 2.66
C PRO A 69 10.80 -8.04 1.13
N ASP A 70 11.72 -8.69 0.43
CA ASP A 70 11.87 -8.46 -1.07
C ASP A 70 10.50 -8.28 -1.79
N TYR A 71 9.43 -8.71 -1.18
CA TYR A 71 8.09 -8.57 -1.81
C TYR A 71 7.81 -7.12 -2.22
N ILE A 72 7.99 -6.13 -1.34
CA ILE A 72 7.66 -4.74 -1.79
C ILE A 72 8.56 -4.34 -2.94
N HIS A 73 9.80 -4.76 -2.91
CA HIS A 73 10.71 -4.44 -4.04
C HIS A 73 10.18 -5.16 -5.28
N GLY A 74 9.94 -6.46 -5.14
CA GLY A 74 9.41 -7.27 -6.29
C GLY A 74 7.99 -6.81 -6.67
N ARG A 75 7.38 -6.01 -5.84
CA ARG A 75 6.00 -5.53 -6.16
C ARG A 75 6.09 -4.29 -7.06
N LEU A 76 7.05 -3.45 -6.85
CA LEU A 76 7.14 -2.26 -7.71
C LEU A 76 7.62 -2.66 -9.11
N GLN A 77 8.56 -3.60 -9.22
CA GLN A 77 9.04 -4.00 -10.61
C GLN A 77 7.86 -4.61 -11.38
N SER A 78 6.98 -5.28 -10.70
CA SER A 78 5.81 -5.86 -11.40
C SER A 78 4.94 -4.73 -11.94
N LEU A 79 4.68 -3.77 -11.12
CA LEU A 79 3.86 -2.63 -11.59
C LEU A 79 4.54 -1.97 -12.81
N GLY A 80 5.88 -1.95 -12.81
CA GLY A 80 6.67 -1.38 -13.96
C GLY A 80 6.47 0.12 -14.13
N LYS A 81 5.52 0.51 -14.95
CA LYS A 81 5.31 1.96 -15.21
C LYS A 81 3.88 2.26 -15.74
N ASN A 82 2.93 1.33 -15.56
CA ASN A 82 1.51 1.52 -16.12
C ASN A 82 0.77 2.75 -15.54
N PHE A 83 1.14 3.23 -14.38
CA PHE A 83 0.37 4.38 -13.80
C PHE A 83 1.24 5.59 -13.53
N ALA A 84 0.77 6.72 -13.90
CA ALA A 84 1.58 7.93 -13.66
C ALA A 84 1.80 8.18 -12.18
N LEU A 85 0.80 8.50 -11.45
CA LEU A 85 1.07 8.78 -10.02
C LEU A 85 1.25 7.51 -9.23
N ARG A 86 2.45 7.17 -8.89
CA ARG A 86 2.67 5.94 -8.09
C ARG A 86 2.88 6.39 -6.63
N VAL A 87 2.23 5.72 -5.70
CA VAL A 87 2.31 6.13 -4.25
C VAL A 87 2.50 4.90 -3.34
N LEU A 88 3.27 5.02 -2.28
CA LEU A 88 3.51 3.83 -1.34
C LEU A 88 2.88 4.09 0.06
N LEU A 89 1.72 3.56 0.35
CA LEU A 89 1.10 3.80 1.70
C LEU A 89 1.82 2.97 2.73
N VAL A 90 2.38 3.58 3.71
CA VAL A 90 3.13 2.77 4.71
C VAL A 90 2.46 2.83 6.08
N GLN A 91 2.16 1.73 6.69
CA GLN A 91 1.54 1.84 8.05
C GLN A 91 2.64 1.71 9.11
N VAL A 92 2.97 2.78 9.80
CA VAL A 92 4.06 2.67 10.84
C VAL A 92 3.53 1.92 12.06
N ASP A 93 3.55 0.62 12.00
CA ASP A 93 3.08 -0.21 13.15
C ASP A 93 4.28 -0.87 13.82
N VAL A 94 5.41 -0.19 13.86
CA VAL A 94 6.60 -0.78 14.52
C VAL A 94 7.46 0.33 15.16
N LYS A 95 7.99 0.08 16.32
CA LYS A 95 8.84 1.12 17.03
C LYS A 95 10.26 1.16 16.42
N ASP A 96 10.86 2.30 16.34
CA ASP A 96 12.24 2.39 15.73
C ASP A 96 12.24 2.05 14.23
N PRO A 97 11.26 2.54 13.55
CA PRO A 97 11.12 2.29 12.08
C PRO A 97 12.20 2.98 11.25
N GLN A 98 12.67 4.07 11.71
CA GLN A 98 13.66 4.83 10.93
C GLN A 98 14.48 3.96 9.97
N GLN A 99 15.27 3.07 10.47
CA GLN A 99 16.14 2.26 9.56
C GLN A 99 15.41 1.86 8.28
N ALA A 100 14.35 1.14 8.38
CA ALA A 100 13.66 0.68 7.16
C ALA A 100 13.23 1.87 6.29
N LEU A 101 12.52 2.81 6.85
CA LEU A 101 12.08 3.96 6.00
C LEU A 101 13.25 4.43 5.14
N LYS A 102 14.40 4.60 5.73
CA LYS A 102 15.58 5.04 4.95
C LYS A 102 15.73 4.18 3.69
N GLU A 103 15.92 2.89 3.83
CA GLU A 103 16.11 2.03 2.61
C GLU A 103 14.83 1.91 1.77
N LEU A 104 13.70 2.16 2.32
CA LEU A 104 12.50 2.10 1.48
C LEU A 104 12.48 3.36 0.65
N ALA A 105 12.73 4.49 1.28
CA ALA A 105 12.72 5.78 0.52
C ALA A 105 13.70 5.71 -0.67
N LYS A 106 14.90 5.21 -0.45
CA LYS A 106 15.90 5.10 -1.57
C LYS A 106 15.23 4.35 -2.71
N MET A 107 14.55 3.31 -2.38
CA MET A 107 13.84 2.54 -3.41
C MET A 107 12.81 3.44 -4.14
N CYS A 108 12.05 4.24 -3.40
CA CYS A 108 10.98 5.10 -4.03
C CYS A 108 11.55 6.16 -4.93
N ILE A 109 12.71 6.72 -4.64
CA ILE A 109 13.23 7.78 -5.57
C ILE A 109 13.55 7.10 -6.87
N LEU A 110 14.27 5.99 -6.81
CA LEU A 110 14.59 5.27 -8.07
C LEU A 110 13.24 4.91 -8.74
N ALA A 111 12.32 4.36 -7.98
CA ALA A 111 10.96 3.98 -8.53
C ALA A 111 10.10 5.23 -8.78
N ASP A 112 10.57 6.34 -8.34
CA ASP A 112 9.83 7.61 -8.49
C ASP A 112 8.36 7.48 -8.05
N CYS A 113 8.13 6.90 -6.90
CA CYS A 113 6.74 6.80 -6.36
C CYS A 113 6.74 7.52 -5.01
N THR A 114 5.62 8.04 -4.61
CA THR A 114 5.53 8.82 -3.32
C THR A 114 5.56 7.90 -2.09
N LEU A 115 6.13 8.38 -1.02
CA LEU A 115 6.19 7.62 0.27
C LEU A 115 5.20 8.25 1.25
N ILE A 116 4.18 7.54 1.70
CA ILE A 116 3.17 8.15 2.65
C ILE A 116 3.21 7.44 3.99
N LEU A 117 3.04 8.14 5.07
CA LEU A 117 3.15 7.43 6.38
C LEU A 117 1.88 7.44 7.22
N ALA A 118 1.39 6.28 7.53
CA ALA A 118 0.22 6.19 8.43
C ALA A 118 0.66 5.48 9.69
N TRP A 119 -0.12 5.45 10.69
CA TRP A 119 0.33 4.75 11.91
C TRP A 119 -0.75 3.82 12.41
N SER A 120 -1.92 3.93 11.84
CA SER A 120 -3.04 3.03 12.23
C SER A 120 -3.78 2.55 11.00
N PRO A 121 -4.55 1.55 11.17
CA PRO A 121 -5.32 1.07 10.05
C PRO A 121 -6.39 2.06 9.70
N GLU A 122 -6.76 2.90 10.61
CA GLU A 122 -7.74 3.95 10.25
C GLU A 122 -7.04 5.07 9.48
N GLU A 123 -5.93 5.51 9.96
CA GLU A 123 -5.21 6.60 9.27
C GLU A 123 -4.99 6.27 7.78
N ALA A 124 -4.43 5.13 7.48
CA ALA A 124 -4.22 4.80 6.05
C ALA A 124 -5.57 4.80 5.39
N GLY A 125 -6.55 4.18 6.04
CA GLY A 125 -7.92 4.17 5.47
C GLY A 125 -8.27 5.60 5.12
N ARG A 126 -7.91 6.53 5.96
CA ARG A 126 -8.22 7.95 5.63
C ARG A 126 -7.48 8.31 4.34
N TYR A 127 -6.20 8.02 4.28
CA TYR A 127 -5.39 8.35 3.07
C TYR A 127 -6.03 7.88 1.78
N LEU A 128 -6.83 6.87 1.83
CA LEU A 128 -7.48 6.37 0.59
C LEU A 128 -8.68 7.27 0.23
N GLU A 129 -9.55 7.54 1.17
CA GLU A 129 -10.71 8.41 0.83
C GLU A 129 -10.18 9.74 0.29
N THR A 130 -9.04 10.20 0.82
CA THR A 130 -8.42 11.54 0.42
C THR A 130 -7.81 11.51 -0.99
N TYR A 131 -7.23 10.43 -1.44
CA TYR A 131 -6.65 10.48 -2.82
C TYR A 131 -7.74 10.33 -3.89
N LYS A 132 -8.84 9.64 -3.57
CA LYS A 132 -9.97 9.55 -4.57
C LYS A 132 -10.80 10.84 -4.43
N ALA A 133 -10.66 11.50 -3.27
CA ALA A 133 -11.37 12.82 -3.01
C ALA A 133 -10.49 14.00 -3.54
N LYS B 1 -6.35 -14.05 12.89
CA LYS B 1 -5.41 -15.22 13.06
C LYS B 1 -3.96 -14.82 12.67
N ILE B 2 -3.15 -15.81 12.31
CA ILE B 2 -1.72 -15.53 11.93
C ILE B 2 -1.41 -16.09 10.52
N ILE B 3 -2.38 -16.08 9.65
CA ILE B 3 -2.16 -16.62 8.27
C ILE B 3 -1.61 -15.57 7.36
N ASP B 4 -0.74 -14.75 7.85
CA ASP B 4 -0.19 -13.69 6.98
C ASP B 4 -0.03 -14.22 5.54
N THR B 5 -0.87 -13.72 4.69
CA THR B 5 -0.83 -14.14 3.27
C THR B 5 0.22 -13.28 2.54
N GLY B 6 -0.21 -12.58 1.49
CA GLY B 6 0.73 -11.70 0.73
C GLY B 6 0.01 -10.40 0.30
N GLY B 7 0.66 -9.26 0.51
CA GLY B 7 0.04 -7.95 0.13
C GLY B 7 0.60 -6.78 0.98
N GLY B 8 1.80 -6.90 1.51
CA GLY B 8 2.36 -5.78 2.33
C GLY B 8 1.44 -5.45 3.46
N PHE B 9 1.10 -6.42 4.24
CA PHE B 9 0.22 -6.14 5.38
C PHE B 9 0.17 -7.36 6.30
N ILE B 10 0.36 -7.14 7.57
CA ILE B 10 0.42 -8.27 8.54
C ILE B 10 -0.95 -8.89 8.81
N LEU B 11 -1.03 -10.19 8.76
CA LEU B 11 -2.34 -10.89 8.98
C LEU B 11 -2.22 -12.03 10.02
N ASN A 18 -11.92 4.07 -10.32
CA ASN A 18 -12.97 5.14 -10.40
C ASN A 18 -13.49 5.24 -8.98
N SER A 19 -14.58 4.60 -8.68
CA SER A 19 -14.84 4.45 -7.26
C SER A 19 -13.86 3.26 -7.12
N ILE A 20 -12.83 3.45 -6.33
CA ILE A 20 -11.63 2.52 -6.28
C ILE A 20 -11.71 1.10 -6.85
N ILE A 21 -10.51 0.57 -7.00
CA ILE A 21 -10.27 -0.85 -7.42
C ILE A 21 -9.17 -1.34 -6.49
N VAL A 22 -9.40 -2.36 -5.71
CA VAL A 22 -8.34 -2.88 -4.78
C VAL A 22 -7.99 -4.28 -5.20
N SER A 23 -6.98 -4.88 -4.64
CA SER A 23 -6.71 -6.31 -5.00
C SER A 23 -7.29 -7.27 -3.95
N PRO A 24 -7.80 -8.39 -4.41
CA PRO A 24 -8.35 -9.40 -3.49
C PRO A 24 -7.20 -9.96 -2.67
N ARG A 25 -6.00 -9.64 -3.09
CA ARG A 25 -4.80 -10.06 -2.34
C ARG A 25 -4.62 -9.02 -1.24
N GLN A 26 -5.48 -8.04 -1.22
CA GLN A 26 -5.44 -7.01 -0.17
C GLN A 26 -6.64 -7.24 0.77
N ARG A 27 -7.36 -8.32 0.56
CA ARG A 27 -8.54 -8.65 1.43
C ARG A 27 -8.15 -8.62 2.89
N GLY A 28 -8.98 -9.14 3.74
CA GLY A 28 -8.64 -9.10 5.18
C GLY A 28 -8.18 -7.68 5.45
N ASN A 29 -6.92 -7.49 5.72
CA ASN A 29 -6.38 -6.10 5.93
C ASN A 29 -7.46 -5.11 6.41
N PRO A 30 -7.51 -4.87 7.69
CA PRO A 30 -8.54 -3.97 8.30
C PRO A 30 -8.53 -2.54 7.75
N VAL A 31 -7.52 -2.14 7.04
CA VAL A 31 -7.56 -0.77 6.52
C VAL A 31 -8.80 -0.59 5.65
N LEU A 32 -9.20 -1.61 4.94
CA LEU A 32 -10.41 -1.48 4.08
C LEU A 32 -11.60 -1.05 4.94
N LYS A 33 -11.55 -1.34 6.22
CA LYS A 33 -12.67 -0.95 7.12
C LYS A 33 -12.69 0.56 7.25
N PHE A 34 -11.63 1.24 7.01
CA PHE A 34 -11.73 2.71 7.16
C PHE A 34 -11.97 3.35 5.82
N VAL A 35 -12.09 2.55 4.80
CA VAL A 35 -12.43 3.13 3.48
C VAL A 35 -13.95 3.23 3.49
N ARG A 36 -14.45 4.23 4.18
CA ARG A 36 -15.94 4.39 4.32
C ARG A 36 -16.50 5.56 3.52
N ASN A 37 -15.80 6.63 3.42
CA ASN A 37 -16.38 7.78 2.70
C ASN A 37 -16.37 7.57 1.20
N VAL A 38 -15.65 6.62 0.69
CA VAL A 38 -15.68 6.45 -0.78
C VAL A 38 -15.95 4.99 -1.15
N PRO A 39 -16.66 4.81 -2.26
CA PRO A 39 -16.96 3.45 -2.82
C PRO A 39 -15.70 2.75 -3.35
N TRP A 40 -15.52 1.49 -3.01
CA TRP A 40 -14.32 0.76 -3.52
C TRP A 40 -14.70 -0.70 -3.78
N GLU A 41 -14.00 -1.34 -4.68
CA GLU A 41 -14.31 -2.76 -4.99
C GLU A 41 -13.07 -3.51 -5.43
N PHE A 42 -13.07 -4.81 -5.25
CA PHE A 42 -11.89 -5.65 -5.66
C PHE A 42 -11.83 -5.82 -7.19
N GLY A 43 -10.70 -5.59 -7.77
CA GLY A 43 -10.56 -5.78 -9.23
C GLY A 43 -9.24 -6.46 -9.49
N ASP A 44 -9.08 -7.01 -10.63
CA ASP A 44 -7.79 -7.68 -10.92
C ASP A 44 -6.78 -6.65 -11.46
N VAL A 45 -6.10 -5.92 -10.59
CA VAL A 45 -5.10 -4.89 -11.09
C VAL A 45 -3.67 -5.11 -10.48
N ILE A 46 -2.67 -4.67 -11.19
CA ILE A 46 -1.27 -4.87 -10.72
C ILE A 46 -0.96 -4.26 -9.33
N PRO A 47 -1.33 -3.03 -9.12
CA PRO A 47 -1.00 -2.38 -7.84
C PRO A 47 -1.96 -2.85 -6.78
N ASP A 48 -1.87 -2.26 -5.63
CA ASP A 48 -2.80 -2.60 -4.54
C ASP A 48 -4.07 -1.80 -4.73
N TYR A 49 -3.96 -0.52 -4.96
CA TYR A 49 -5.19 0.28 -5.15
C TYR A 49 -5.10 1.17 -6.36
N VAL A 50 -6.09 1.11 -7.20
CA VAL A 50 -6.13 2.03 -8.37
C VAL A 50 -6.98 3.22 -7.95
N LEU A 51 -6.42 4.40 -7.93
CA LEU A 51 -7.20 5.59 -7.47
C LEU A 51 -7.60 6.49 -8.68
N GLY A 52 -6.97 6.29 -9.84
CA GLY A 52 -7.28 7.16 -11.05
C GLY A 52 -6.69 6.49 -12.30
N GLN A 53 -7.02 6.98 -13.49
CA GLN A 53 -6.50 6.31 -14.75
C GLN A 53 -4.96 6.06 -14.70
N SER A 54 -4.19 6.87 -14.02
CA SER A 54 -2.73 6.56 -13.97
C SER A 54 -2.19 6.78 -12.60
N THR A 55 -3.04 6.77 -11.63
CA THR A 55 -2.57 6.92 -10.22
C THR A 55 -2.77 5.57 -9.53
N CYS A 56 -1.81 5.07 -8.78
CA CYS A 56 -2.01 3.76 -8.05
C CYS A 56 -1.17 3.70 -6.78
N ALA A 57 -1.61 2.98 -5.81
CA ALA A 57 -0.85 2.94 -4.54
C ALA A 57 -0.46 1.50 -4.22
N LEU A 58 0.43 1.34 -3.25
CA LEU A 58 0.90 -0.01 -2.82
C LEU A 58 0.96 0.00 -1.31
N PHE A 59 0.43 -0.99 -0.64
CA PHE A 59 0.49 -1.00 0.86
C PHE A 59 1.54 -1.96 1.36
N LEU A 60 2.19 -1.59 2.42
CA LEU A 60 3.24 -2.43 3.01
C LEU A 60 3.20 -2.22 4.53
N SER A 61 2.62 -3.12 5.26
CA SER A 61 2.52 -2.87 6.75
C SER A 61 3.87 -2.89 7.49
N LEU A 62 4.97 -3.00 6.80
CA LEU A 62 6.30 -3.03 7.50
C LEU A 62 6.39 -4.24 8.43
N ARG A 63 5.67 -4.28 9.54
CA ARG A 63 5.80 -5.48 10.40
C ARG A 63 5.87 -6.66 9.45
N TYR A 64 4.88 -6.78 8.60
CA TYR A 64 4.91 -7.84 7.56
C TYR A 64 6.26 -7.71 6.81
N HIS A 65 6.64 -6.48 6.49
CA HIS A 65 7.93 -6.23 5.74
C HIS A 65 9.08 -7.14 6.22
N ASN A 66 9.25 -7.27 7.50
CA ASN A 66 10.34 -8.14 8.01
C ASN A 66 10.01 -9.59 7.65
N LEU A 67 8.84 -10.05 7.99
CA LEU A 67 8.46 -11.46 7.66
C LEU A 67 8.89 -11.79 6.23
N HIS A 68 8.94 -10.81 5.39
CA HIS A 68 9.41 -11.05 4.00
C HIS A 68 9.58 -9.73 3.25
N PRO A 69 10.82 -9.30 3.12
CA PRO A 69 11.15 -8.09 2.35
C PRO A 69 11.36 -8.50 0.89
N ASP A 70 11.87 -7.64 0.04
CA ASP A 70 12.02 -8.03 -1.40
C ASP A 70 10.61 -8.17 -2.03
N TYR A 71 9.62 -8.42 -1.21
CA TYR A 71 8.23 -8.50 -1.74
C TYR A 71 7.86 -7.12 -2.22
N ILE A 72 7.99 -6.13 -1.34
CA ILE A 72 7.66 -4.74 -1.79
C ILE A 72 8.56 -4.34 -2.94
N HIS A 73 9.80 -4.76 -2.91
CA HIS A 73 10.71 -4.44 -4.04
C HIS A 73 10.18 -5.16 -5.28
N GLY A 74 9.94 -6.46 -5.14
CA GLY A 74 9.41 -7.27 -6.29
C GLY A 74 7.99 -6.81 -6.67
N ARG A 75 7.38 -6.01 -5.84
CA ARG A 75 6.00 -5.53 -6.16
C ARG A 75 6.09 -4.29 -7.06
N LEU A 76 7.05 -3.45 -6.85
CA LEU A 76 7.14 -2.26 -7.71
C LEU A 76 7.62 -2.66 -9.11
N GLN A 77 8.56 -3.60 -9.22
CA GLN A 77 9.04 -4.00 -10.61
C GLN A 77 7.86 -4.61 -11.38
N SER A 78 6.98 -5.28 -10.70
CA SER A 78 5.81 -5.86 -11.40
C SER A 78 4.94 -4.73 -11.94
N LEU A 79 4.68 -3.77 -11.12
CA LEU A 79 3.86 -2.63 -11.59
C LEU A 79 4.54 -1.97 -12.81
N GLY A 80 5.88 -1.95 -12.81
CA GLY A 80 6.67 -1.38 -13.96
C GLY A 80 6.47 0.12 -14.13
N LYS A 81 5.52 0.51 -14.95
CA LYS A 81 5.31 1.96 -15.21
C LYS A 81 3.88 2.26 -15.74
N ASN A 82 2.93 1.33 -15.56
CA ASN A 82 1.51 1.52 -16.12
C ASN A 82 0.77 2.75 -15.54
N PHE A 83 1.14 3.23 -14.38
CA PHE A 83 0.37 4.38 -13.80
C PHE A 83 1.24 5.59 -13.53
N ALA A 84 0.77 6.72 -13.90
CA ALA A 84 1.58 7.93 -13.66
C ALA A 84 1.80 8.18 -12.18
N LEU A 85 0.80 8.50 -11.45
CA LEU A 85 1.07 8.78 -10.02
C LEU A 85 1.25 7.51 -9.23
N ARG A 86 2.45 7.17 -8.89
CA ARG A 86 2.67 5.94 -8.09
C ARG A 86 2.88 6.39 -6.63
N VAL A 87 2.23 5.72 -5.70
CA VAL A 87 2.31 6.13 -4.25
C VAL A 87 2.50 4.90 -3.34
N LEU A 88 3.27 5.02 -2.28
CA LEU A 88 3.51 3.83 -1.34
C LEU A 88 2.88 4.09 0.06
N LEU A 89 1.72 3.56 0.35
CA LEU A 89 1.10 3.80 1.70
C LEU A 89 1.82 2.97 2.73
N VAL A 90 2.38 3.58 3.71
CA VAL A 90 3.13 2.77 4.71
C VAL A 90 2.46 2.83 6.08
N GLN A 91 2.16 1.73 6.69
CA GLN A 91 1.54 1.84 8.05
C GLN A 91 2.64 1.71 9.11
N VAL A 92 2.97 2.78 9.80
CA VAL A 92 4.06 2.67 10.84
C VAL A 92 3.53 1.92 12.06
N ASP A 93 3.55 0.62 12.00
CA ASP A 93 3.08 -0.21 13.15
C ASP A 93 4.28 -0.87 13.82
N VAL A 94 5.41 -0.19 13.86
CA VAL A 94 6.60 -0.78 14.52
C VAL A 94 7.46 0.33 15.16
N LYS A 95 7.99 0.08 16.32
CA LYS A 95 8.84 1.12 17.03
C LYS A 95 10.26 1.16 16.42
N ASP A 96 10.86 2.30 16.34
CA ASP A 96 12.24 2.39 15.73
C ASP A 96 12.24 2.05 14.23
N PRO A 97 11.26 2.54 13.55
CA PRO A 97 11.12 2.29 12.08
C PRO A 97 12.20 2.98 11.25
N GLN A 98 12.67 4.07 11.71
CA GLN A 98 13.66 4.83 10.93
C GLN A 98 14.48 3.96 9.97
N GLN A 99 15.27 3.07 10.47
CA GLN A 99 16.14 2.26 9.56
C GLN A 99 15.41 1.86 8.28
N ALA A 100 14.35 1.14 8.38
CA ALA A 100 13.66 0.68 7.16
C ALA A 100 13.23 1.87 6.29
N LEU A 101 12.52 2.81 6.85
CA LEU A 101 12.08 3.96 6.00
C LEU A 101 13.25 4.43 5.14
N LYS A 102 14.40 4.60 5.73
CA LYS A 102 15.58 5.04 4.95
C LYS A 102 15.73 4.18 3.69
N GLU A 103 15.92 2.89 3.83
CA GLU A 103 16.11 2.03 2.61
C GLU A 103 14.83 1.91 1.77
N LEU A 104 13.70 2.16 2.32
CA LEU A 104 12.50 2.10 1.48
C LEU A 104 12.48 3.36 0.65
N ALA A 105 12.73 4.49 1.28
CA ALA A 105 12.72 5.78 0.52
C ALA A 105 13.70 5.71 -0.67
N LYS A 106 14.90 5.21 -0.45
CA LYS A 106 15.90 5.10 -1.57
C LYS A 106 15.23 4.35 -2.71
N MET A 107 14.55 3.31 -2.38
CA MET A 107 13.84 2.54 -3.41
C MET A 107 12.81 3.44 -4.14
N CYS A 108 12.05 4.24 -3.40
CA CYS A 108 10.98 5.10 -4.03
C CYS A 108 11.55 6.16 -4.93
N ILE A 109 12.71 6.72 -4.64
CA ILE A 109 13.23 7.78 -5.57
C ILE A 109 13.55 7.10 -6.87
N LEU A 110 14.27 5.99 -6.81
CA LEU A 110 14.59 5.27 -8.07
C LEU A 110 13.24 4.91 -8.74
N ALA A 111 12.32 4.36 -7.98
CA ALA A 111 10.96 3.98 -8.53
C ALA A 111 10.10 5.23 -8.78
N ASP A 112 10.57 6.34 -8.34
CA ASP A 112 9.83 7.61 -8.49
C ASP A 112 8.36 7.48 -8.05
N CYS A 113 8.13 6.90 -6.90
CA CYS A 113 6.74 6.80 -6.36
C CYS A 113 6.74 7.52 -5.01
N THR A 114 5.62 8.04 -4.61
CA THR A 114 5.53 8.82 -3.32
C THR A 114 5.56 7.90 -2.09
N LEU A 115 6.13 8.38 -1.02
CA LEU A 115 6.19 7.62 0.27
C LEU A 115 5.20 8.25 1.25
N ILE A 116 4.18 7.54 1.70
CA ILE A 116 3.17 8.15 2.65
C ILE A 116 3.21 7.44 3.99
N LEU A 117 3.04 8.14 5.07
CA LEU A 117 3.15 7.43 6.38
C LEU A 117 1.88 7.44 7.22
N ALA A 118 1.39 6.28 7.53
CA ALA A 118 0.22 6.19 8.43
C ALA A 118 0.66 5.48 9.69
N TRP A 119 -0.12 5.45 10.69
CA TRP A 119 0.33 4.75 11.91
C TRP A 119 -0.75 3.82 12.41
N SER A 120 -1.92 3.93 11.84
CA SER A 120 -3.04 3.03 12.23
C SER A 120 -3.78 2.55 11.00
N PRO A 121 -4.55 1.55 11.17
CA PRO A 121 -5.32 1.07 10.05
C PRO A 121 -6.39 2.06 9.70
N GLU A 122 -6.76 2.90 10.61
CA GLU A 122 -7.74 3.95 10.25
C GLU A 122 -7.04 5.07 9.48
N GLU A 123 -5.93 5.51 9.96
CA GLU A 123 -5.21 6.60 9.27
C GLU A 123 -4.99 6.27 7.78
N ALA A 124 -4.43 5.13 7.48
CA ALA A 124 -4.22 4.80 6.05
C ALA A 124 -5.57 4.80 5.39
N GLY A 125 -6.55 4.18 6.04
CA GLY A 125 -7.92 4.17 5.47
C GLY A 125 -8.27 5.60 5.12
N ARG A 126 -7.91 6.53 5.96
CA ARG A 126 -8.22 7.95 5.63
C ARG A 126 -7.48 8.31 4.34
N TYR A 127 -6.20 8.02 4.28
CA TYR A 127 -5.39 8.35 3.07
C TYR A 127 -6.03 7.88 1.78
N LEU A 128 -6.83 6.87 1.83
CA LEU A 128 -7.48 6.37 0.59
C LEU A 128 -8.68 7.27 0.23
N GLU A 129 -9.55 7.54 1.17
CA GLU A 129 -10.71 8.41 0.83
C GLU A 129 -10.18 9.74 0.29
N THR A 130 -9.04 10.20 0.82
CA THR A 130 -8.42 11.54 0.42
C THR A 130 -7.81 11.51 -0.99
N TYR A 131 -7.23 10.43 -1.44
CA TYR A 131 -6.65 10.48 -2.82
C TYR A 131 -7.74 10.33 -3.89
N LYS A 132 -8.84 9.64 -3.57
CA LYS A 132 -9.97 9.55 -4.57
C LYS A 132 -10.80 10.84 -4.43
N ALA A 133 -10.66 11.50 -3.27
CA ALA A 133 -11.37 12.82 -3.01
C ALA A 133 -10.49 14.00 -3.54
N LYS B 1 -5.85 -13.55 12.67
CA LYS B 1 -5.04 -14.80 12.86
C LYS B 1 -3.53 -14.54 12.57
N ILE B 2 -2.82 -15.57 12.13
CA ILE B 2 -1.36 -15.45 11.82
C ILE B 2 -1.09 -16.05 10.42
N ILE B 3 -1.52 -15.38 9.38
CA ILE B 3 -1.32 -15.93 8.00
C ILE B 3 -0.87 -14.86 7.06
N ASP B 4 0.20 -14.18 7.38
CA ASP B 4 0.70 -13.09 6.48
C ASP B 4 0.61 -13.55 5.03
N THR B 5 -0.36 -13.05 4.35
CA THR B 5 -0.57 -13.46 2.96
C THR B 5 -1.10 -12.31 2.15
N GLY B 6 -0.80 -12.27 0.88
CA GLY B 6 -1.32 -11.14 0.04
C GLY B 6 -0.19 -10.16 -0.29
N GLY B 7 -0.23 -8.97 0.28
CA GLY B 7 0.83 -7.99 -0.04
C GLY B 7 1.06 -6.94 1.06
N GLY B 8 2.21 -7.04 1.72
CA GLY B 8 2.59 -6.05 2.77
C GLY B 8 1.44 -5.68 3.64
N PHE B 9 1.15 -6.47 4.61
CA PHE B 9 0.06 -6.15 5.53
C PHE B 9 -0.07 -7.32 6.51
N ILE B 10 0.39 -7.11 7.71
CA ILE B 10 0.41 -8.20 8.72
C ILE B 10 -0.94 -8.87 8.92
N LEU B 11 -1.00 -10.15 8.74
CA LEU B 11 -2.30 -10.84 8.92
C LEU B 11 -2.20 -11.86 10.07
N ASN A 18 -11.92 4.07 -10.32
CA ASN A 18 -12.97 5.14 -10.40
C ASN A 18 -13.49 5.24 -8.98
N SER A 19 -14.58 4.60 -8.68
CA SER A 19 -14.84 4.45 -7.26
C SER A 19 -13.86 3.26 -7.12
N ILE A 20 -12.83 3.45 -6.33
CA ILE A 20 -11.63 2.52 -6.28
C ILE A 20 -11.71 1.10 -6.85
N ILE A 21 -10.51 0.57 -7.00
CA ILE A 21 -10.27 -0.85 -7.42
C ILE A 21 -9.17 -1.34 -6.49
N VAL A 22 -9.40 -2.36 -5.71
CA VAL A 22 -8.34 -2.88 -4.78
C VAL A 22 -7.99 -4.28 -5.20
N SER A 23 -6.98 -4.89 -4.67
CA SER A 23 -6.75 -6.31 -5.07
C SER A 23 -7.22 -7.25 -3.95
N PRO A 24 -7.79 -8.37 -4.34
CA PRO A 24 -8.26 -9.36 -3.33
C PRO A 24 -7.06 -9.82 -2.52
N ARG A 25 -5.89 -9.45 -2.97
CA ARG A 25 -4.68 -9.75 -2.22
C ARG A 25 -4.63 -8.76 -1.08
N GLN A 26 -5.58 -7.85 -1.05
CA GLN A 26 -5.64 -6.83 0.03
C GLN A 26 -6.80 -7.15 0.98
N ARG A 27 -7.62 -8.11 0.66
CA ARG A 27 -8.76 -8.48 1.56
C ARG A 27 -8.24 -8.69 2.97
N GLY A 28 -9.08 -9.06 3.88
CA GLY A 28 -8.58 -9.26 5.26
C GLY A 28 -8.08 -7.92 5.81
N ASN A 29 -7.03 -7.39 5.26
CA ASN A 29 -6.49 -6.07 5.74
C ASN A 29 -7.60 -5.15 6.28
N PRO A 30 -7.57 -4.88 7.57
CA PRO A 30 -8.60 -4.00 8.22
C PRO A 30 -8.56 -2.56 7.71
N VAL A 31 -7.52 -2.14 7.04
CA VAL A 31 -7.56 -0.77 6.52
C VAL A 31 -8.80 -0.59 5.65
N LEU A 32 -9.20 -1.61 4.94
CA LEU A 32 -10.41 -1.48 4.08
C LEU A 32 -11.60 -1.05 4.94
N LYS A 33 -11.55 -1.34 6.22
CA LYS A 33 -12.67 -0.95 7.12
C LYS A 33 -12.69 0.56 7.25
N PHE A 34 -11.63 1.24 7.01
CA PHE A 34 -11.73 2.71 7.16
C PHE A 34 -11.97 3.35 5.82
N VAL A 35 -12.09 2.55 4.80
CA VAL A 35 -12.43 3.13 3.48
C VAL A 35 -13.95 3.23 3.49
N ARG A 36 -14.45 4.23 4.18
CA ARG A 36 -15.94 4.39 4.32
C ARG A 36 -16.50 5.56 3.52
N ASN A 37 -15.80 6.63 3.42
CA ASN A 37 -16.38 7.78 2.70
C ASN A 37 -16.37 7.57 1.20
N VAL A 38 -15.65 6.62 0.69
CA VAL A 38 -15.68 6.45 -0.78
C VAL A 38 -15.95 4.99 -1.15
N PRO A 39 -16.66 4.81 -2.26
CA PRO A 39 -16.96 3.45 -2.82
C PRO A 39 -15.70 2.75 -3.35
N TRP A 40 -15.52 1.49 -3.01
CA TRP A 40 -14.32 0.76 -3.52
C TRP A 40 -14.70 -0.70 -3.78
N GLU A 41 -14.00 -1.34 -4.68
CA GLU A 41 -14.31 -2.76 -4.99
C GLU A 41 -13.07 -3.51 -5.43
N PHE A 42 -13.07 -4.81 -5.25
CA PHE A 42 -11.89 -5.65 -5.66
C PHE A 42 -11.83 -5.82 -7.19
N GLY A 43 -10.70 -5.59 -7.77
CA GLY A 43 -10.56 -5.78 -9.23
C GLY A 43 -9.24 -6.46 -9.49
N ASP A 44 -9.08 -7.01 -10.63
CA ASP A 44 -7.79 -7.68 -10.92
C ASP A 44 -6.78 -6.65 -11.46
N VAL A 45 -6.10 -5.92 -10.59
CA VAL A 45 -5.10 -4.89 -11.09
C VAL A 45 -3.67 -5.11 -10.48
N ILE A 46 -2.67 -4.67 -11.19
CA ILE A 46 -1.27 -4.87 -10.72
C ILE A 46 -0.96 -4.26 -9.33
N PRO A 47 -1.33 -3.03 -9.12
CA PRO A 47 -1.00 -2.38 -7.84
C PRO A 47 -1.96 -2.85 -6.78
N ASP A 48 -1.87 -2.26 -5.63
CA ASP A 48 -2.80 -2.60 -4.54
C ASP A 48 -4.07 -1.80 -4.73
N TYR A 49 -3.96 -0.52 -4.96
CA TYR A 49 -5.19 0.28 -5.15
C TYR A 49 -5.10 1.17 -6.36
N VAL A 50 -6.09 1.11 -7.20
CA VAL A 50 -6.13 2.03 -8.37
C VAL A 50 -6.98 3.22 -7.95
N LEU A 51 -6.42 4.40 -7.93
CA LEU A 51 -7.20 5.59 -7.47
C LEU A 51 -7.60 6.49 -8.68
N GLY A 52 -6.97 6.29 -9.84
CA GLY A 52 -7.28 7.16 -11.05
C GLY A 52 -6.69 6.49 -12.30
N GLN A 53 -7.02 6.98 -13.49
CA GLN A 53 -6.50 6.31 -14.75
C GLN A 53 -4.96 6.06 -14.70
N SER A 54 -4.19 6.87 -14.02
CA SER A 54 -2.73 6.56 -13.97
C SER A 54 -2.19 6.78 -12.60
N THR A 55 -3.04 6.77 -11.63
CA THR A 55 -2.57 6.92 -10.22
C THR A 55 -2.77 5.57 -9.53
N CYS A 56 -1.81 5.07 -8.78
CA CYS A 56 -2.01 3.76 -8.05
C CYS A 56 -1.17 3.70 -6.78
N ALA A 57 -1.61 2.98 -5.81
CA ALA A 57 -0.85 2.94 -4.54
C ALA A 57 -0.46 1.50 -4.22
N LEU A 58 0.43 1.34 -3.25
CA LEU A 58 0.90 -0.01 -2.82
C LEU A 58 0.96 0.00 -1.31
N PHE A 59 0.42 -0.99 -0.63
CA PHE A 59 0.48 -1.00 0.87
C PHE A 59 1.53 -1.95 1.36
N LEU A 60 2.19 -1.58 2.41
CA LEU A 60 3.25 -2.43 2.98
C LEU A 60 3.25 -2.24 4.50
N SER A 61 2.54 -3.05 5.23
CA SER A 61 2.48 -2.83 6.74
C SER A 61 3.86 -2.85 7.46
N LEU A 62 4.96 -2.71 6.77
CA LEU A 62 6.31 -2.73 7.44
C LEU A 62 6.46 -3.89 8.43
N ARG A 63 5.80 -3.89 9.57
CA ARG A 63 6.00 -5.04 10.49
C ARG A 63 6.08 -6.26 9.63
N TYR A 64 5.14 -6.38 8.75
CA TYR A 64 5.16 -7.49 7.79
C TYR A 64 6.42 -7.35 6.95
N HIS A 65 6.82 -6.13 6.65
CA HIS A 65 8.05 -5.92 5.81
C HIS A 65 9.20 -6.83 6.26
N ASN A 66 9.35 -7.05 7.53
CA ASN A 66 10.42 -7.97 7.99
C ASN A 66 10.08 -9.36 7.45
N LEU A 67 8.95 -9.91 7.85
CA LEU A 67 8.56 -11.24 7.32
C LEU A 67 8.52 -11.15 5.78
N HIS A 68 9.47 -11.75 5.12
CA HIS A 68 9.59 -11.66 3.63
C HIS A 68 9.49 -10.19 3.19
N PRO A 69 10.65 -9.58 2.99
CA PRO A 69 10.75 -8.16 2.60
C PRO A 69 10.88 -7.95 1.07
N ASP A 70 11.75 -8.68 0.38
CA ASP A 70 11.91 -8.45 -1.11
C ASP A 70 10.54 -8.30 -1.83
N TYR A 71 9.47 -8.70 -1.19
CA TYR A 71 8.12 -8.58 -1.80
C TYR A 71 7.83 -7.13 -2.22
N ILE A 72 7.99 -6.13 -1.34
CA ILE A 72 7.66 -4.74 -1.79
C ILE A 72 8.56 -4.34 -2.94
N HIS A 73 9.80 -4.76 -2.91
CA HIS A 73 10.71 -4.44 -4.04
C HIS A 73 10.18 -5.16 -5.28
N GLY A 74 9.94 -6.46 -5.14
CA GLY A 74 9.41 -7.27 -6.29
C GLY A 74 7.99 -6.81 -6.67
N ARG A 75 7.38 -6.01 -5.84
CA ARG A 75 6.00 -5.53 -6.16
C ARG A 75 6.09 -4.29 -7.06
N LEU A 76 7.05 -3.45 -6.85
CA LEU A 76 7.14 -2.26 -7.71
C LEU A 76 7.62 -2.66 -9.11
N GLN A 77 8.56 -3.60 -9.22
CA GLN A 77 9.04 -4.00 -10.61
C GLN A 77 7.86 -4.61 -11.38
N SER A 78 6.98 -5.28 -10.70
CA SER A 78 5.81 -5.86 -11.40
C SER A 78 4.94 -4.73 -11.94
N LEU A 79 4.68 -3.77 -11.12
CA LEU A 79 3.86 -2.63 -11.59
C LEU A 79 4.54 -1.97 -12.81
N GLY A 80 5.88 -1.95 -12.81
CA GLY A 80 6.67 -1.38 -13.96
C GLY A 80 6.47 0.12 -14.13
N LYS A 81 5.52 0.51 -14.95
CA LYS A 81 5.31 1.96 -15.21
C LYS A 81 3.88 2.26 -15.74
N ASN A 82 2.93 1.33 -15.56
CA ASN A 82 1.51 1.52 -16.12
C ASN A 82 0.77 2.75 -15.54
N PHE A 83 1.14 3.23 -14.38
CA PHE A 83 0.37 4.38 -13.80
C PHE A 83 1.24 5.59 -13.53
N ALA A 84 0.77 6.72 -13.90
CA ALA A 84 1.58 7.93 -13.66
C ALA A 84 1.80 8.18 -12.18
N LEU A 85 0.80 8.50 -11.45
CA LEU A 85 1.07 8.78 -10.02
C LEU A 85 1.25 7.51 -9.23
N ARG A 86 2.45 7.17 -8.89
CA ARG A 86 2.67 5.94 -8.09
C ARG A 86 2.88 6.39 -6.63
N VAL A 87 2.23 5.72 -5.70
CA VAL A 87 2.31 6.13 -4.25
C VAL A 87 2.50 4.90 -3.34
N LEU A 88 3.27 5.02 -2.28
CA LEU A 88 3.51 3.83 -1.34
C LEU A 88 2.88 4.09 0.06
N LEU A 89 1.72 3.56 0.35
CA LEU A 89 1.10 3.80 1.70
C LEU A 89 1.82 2.97 2.73
N VAL A 90 2.38 3.58 3.71
CA VAL A 90 3.13 2.77 4.71
C VAL A 90 2.46 2.83 6.08
N GLN A 91 2.16 1.73 6.69
CA GLN A 91 1.54 1.84 8.05
C GLN A 91 2.64 1.71 9.11
N VAL A 92 2.97 2.78 9.80
CA VAL A 92 4.06 2.67 10.84
C VAL A 92 3.53 1.92 12.06
N ASP A 93 3.55 0.62 12.00
CA ASP A 93 3.08 -0.21 13.15
C ASP A 93 4.28 -0.87 13.82
N VAL A 94 5.41 -0.19 13.86
CA VAL A 94 6.60 -0.78 14.52
C VAL A 94 7.46 0.33 15.16
N LYS A 95 7.99 0.08 16.32
CA LYS A 95 8.84 1.12 17.03
C LYS A 95 10.26 1.16 16.42
N ASP A 96 10.86 2.30 16.34
CA ASP A 96 12.24 2.39 15.73
C ASP A 96 12.24 2.05 14.23
N PRO A 97 11.26 2.54 13.55
CA PRO A 97 11.12 2.29 12.08
C PRO A 97 12.20 2.98 11.25
N GLN A 98 12.67 4.07 11.71
CA GLN A 98 13.66 4.83 10.93
C GLN A 98 14.48 3.96 9.97
N GLN A 99 15.27 3.07 10.47
CA GLN A 99 16.14 2.26 9.56
C GLN A 99 15.41 1.86 8.28
N ALA A 100 14.35 1.14 8.38
CA ALA A 100 13.66 0.68 7.16
C ALA A 100 13.23 1.87 6.29
N LEU A 101 12.52 2.81 6.85
CA LEU A 101 12.08 3.96 6.00
C LEU A 101 13.25 4.43 5.14
N LYS A 102 14.40 4.60 5.73
CA LYS A 102 15.58 5.04 4.95
C LYS A 102 15.73 4.18 3.69
N GLU A 103 15.92 2.89 3.83
CA GLU A 103 16.11 2.03 2.61
C GLU A 103 14.83 1.91 1.77
N LEU A 104 13.70 2.16 2.32
CA LEU A 104 12.50 2.10 1.48
C LEU A 104 12.48 3.36 0.65
N ALA A 105 12.73 4.49 1.28
CA ALA A 105 12.72 5.78 0.52
C ALA A 105 13.70 5.71 -0.67
N LYS A 106 14.90 5.21 -0.45
CA LYS A 106 15.90 5.10 -1.57
C LYS A 106 15.23 4.35 -2.71
N MET A 107 14.55 3.31 -2.38
CA MET A 107 13.84 2.54 -3.41
C MET A 107 12.81 3.44 -4.14
N CYS A 108 12.05 4.24 -3.40
CA CYS A 108 10.98 5.10 -4.03
C CYS A 108 11.55 6.16 -4.93
N ILE A 109 12.71 6.72 -4.64
CA ILE A 109 13.23 7.78 -5.57
C ILE A 109 13.55 7.10 -6.87
N LEU A 110 14.27 5.99 -6.81
CA LEU A 110 14.59 5.27 -8.07
C LEU A 110 13.24 4.91 -8.74
N ALA A 111 12.32 4.36 -7.98
CA ALA A 111 10.96 3.98 -8.53
C ALA A 111 10.10 5.23 -8.78
N ASP A 112 10.57 6.34 -8.34
CA ASP A 112 9.83 7.61 -8.49
C ASP A 112 8.36 7.48 -8.05
N CYS A 113 8.13 6.90 -6.90
CA CYS A 113 6.74 6.80 -6.36
C CYS A 113 6.74 7.52 -5.01
N THR A 114 5.62 8.04 -4.61
CA THR A 114 5.53 8.82 -3.32
C THR A 114 5.56 7.90 -2.09
N LEU A 115 6.13 8.38 -1.02
CA LEU A 115 6.19 7.62 0.27
C LEU A 115 5.20 8.25 1.25
N ILE A 116 4.18 7.54 1.70
CA ILE A 116 3.17 8.15 2.65
C ILE A 116 3.21 7.44 3.99
N LEU A 117 3.04 8.14 5.07
CA LEU A 117 3.15 7.43 6.38
C LEU A 117 1.88 7.44 7.22
N ALA A 118 1.39 6.28 7.53
CA ALA A 118 0.22 6.19 8.43
C ALA A 118 0.66 5.48 9.69
N TRP A 119 -0.12 5.45 10.69
CA TRP A 119 0.33 4.75 11.91
C TRP A 119 -0.75 3.82 12.41
N SER A 120 -1.92 3.93 11.84
CA SER A 120 -3.04 3.03 12.23
C SER A 120 -3.78 2.55 11.00
N PRO A 121 -4.55 1.55 11.17
CA PRO A 121 -5.32 1.07 10.05
C PRO A 121 -6.39 2.06 9.70
N GLU A 122 -6.76 2.90 10.61
CA GLU A 122 -7.74 3.95 10.25
C GLU A 122 -7.04 5.07 9.48
N GLU A 123 -5.93 5.51 9.96
CA GLU A 123 -5.21 6.60 9.27
C GLU A 123 -4.99 6.27 7.78
N ALA A 124 -4.43 5.13 7.48
CA ALA A 124 -4.22 4.80 6.05
C ALA A 124 -5.57 4.80 5.39
N GLY A 125 -6.55 4.18 6.04
CA GLY A 125 -7.92 4.17 5.47
C GLY A 125 -8.27 5.60 5.12
N ARG A 126 -7.91 6.53 5.96
CA ARG A 126 -8.22 7.95 5.63
C ARG A 126 -7.48 8.31 4.34
N TYR A 127 -6.20 8.02 4.28
CA TYR A 127 -5.39 8.35 3.07
C TYR A 127 -6.03 7.88 1.78
N LEU A 128 -6.83 6.87 1.83
CA LEU A 128 -7.48 6.37 0.59
C LEU A 128 -8.68 7.27 0.23
N GLU A 129 -9.55 7.54 1.17
CA GLU A 129 -10.71 8.41 0.83
C GLU A 129 -10.18 9.74 0.29
N THR A 130 -9.04 10.20 0.82
CA THR A 130 -8.42 11.54 0.42
C THR A 130 -7.81 11.51 -0.99
N TYR A 131 -7.23 10.43 -1.44
CA TYR A 131 -6.65 10.48 -2.82
C TYR A 131 -7.74 10.33 -3.89
N LYS A 132 -8.84 9.64 -3.57
CA LYS A 132 -9.97 9.55 -4.57
C LYS A 132 -10.80 10.84 -4.43
N ALA A 133 -10.66 11.50 -3.27
CA ALA A 133 -11.37 12.82 -3.01
C ALA A 133 -10.49 14.00 -3.54
N LYS B 1 -6.69 -14.92 12.85
CA LYS B 1 -5.57 -15.91 13.02
C LYS B 1 -4.20 -15.28 12.62
N ILE B 2 -3.20 -16.12 12.41
CA ILE B 2 -1.84 -15.65 12.00
C ILE B 2 -1.50 -16.26 10.64
N ILE B 3 -2.38 -16.08 9.68
CA ILE B 3 -2.13 -16.69 8.33
C ILE B 3 -1.62 -15.65 7.37
N ASP B 4 -0.73 -14.82 7.83
CA ASP B 4 -0.22 -13.78 6.91
C ASP B 4 -0.20 -14.30 5.48
N THR B 5 -0.88 -13.62 4.63
CA THR B 5 -0.93 -14.02 3.21
C THR B 5 0.14 -13.20 2.46
N GLY B 6 -0.26 -12.49 1.43
CA GLY B 6 0.71 -11.66 0.67
C GLY B 6 0.05 -10.34 0.27
N GLY B 7 0.68 -9.22 0.56
CA GLY B 7 0.08 -7.89 0.19
C GLY B 7 0.62 -6.74 1.07
N GLY B 8 1.80 -6.84 1.62
CA GLY B 8 2.32 -5.71 2.46
C GLY B 8 1.71 -5.76 3.82
N PHE B 9 0.48 -6.01 3.92
CA PHE B 9 -0.12 -5.95 5.24
C PHE B 9 0.04 -7.27 6.01
N ILE B 10 0.14 -7.16 7.32
CA ILE B 10 0.37 -8.37 8.17
C ILE B 10 -0.95 -8.98 8.63
N LEU B 11 -1.09 -10.28 8.50
CA LEU B 11 -2.37 -10.94 8.90
C LEU B 11 -2.16 -12.09 9.92
N ASN A 18 -11.92 4.07 -10.32
CA ASN A 18 -12.97 5.14 -10.40
C ASN A 18 -13.49 5.24 -8.98
N SER A 19 -14.58 4.60 -8.68
CA SER A 19 -14.84 4.45 -7.26
C SER A 19 -13.86 3.26 -7.12
N ILE A 20 -12.83 3.45 -6.33
CA ILE A 20 -11.63 2.52 -6.28
C ILE A 20 -11.71 1.10 -6.85
N ILE A 21 -10.51 0.57 -7.00
CA ILE A 21 -10.27 -0.85 -7.42
C ILE A 21 -9.17 -1.34 -6.49
N VAL A 22 -9.40 -2.36 -5.71
CA VAL A 22 -8.34 -2.88 -4.78
C VAL A 22 -7.99 -4.28 -5.20
N SER A 23 -6.99 -4.88 -4.67
CA SER A 23 -6.74 -6.30 -5.07
C SER A 23 -7.24 -7.24 -3.97
N PRO A 24 -7.85 -8.33 -4.37
CA PRO A 24 -8.34 -9.31 -3.38
C PRO A 24 -7.14 -9.82 -2.60
N ARG A 25 -5.96 -9.58 -3.12
CA ARG A 25 -4.74 -9.95 -2.37
C ARG A 25 -4.64 -8.96 -1.23
N GLN A 26 -5.47 -7.93 -1.29
CA GLN A 26 -5.50 -6.89 -0.22
C GLN A 26 -6.72 -7.11 0.69
N ARG A 27 -7.51 -8.14 0.43
CA ARG A 27 -8.69 -8.40 1.31
C ARG A 27 -8.22 -8.53 2.75
N GLY A 28 -9.01 -9.12 3.60
CA GLY A 28 -8.57 -9.24 5.01
C GLY A 28 -8.15 -7.86 5.52
N ASN A 29 -6.89 -7.51 5.36
CA ASN A 29 -6.40 -6.16 5.82
C ASN A 29 -7.55 -5.23 6.31
N PRO A 30 -7.51 -4.90 7.60
CA PRO A 30 -8.55 -4.03 8.23
C PRO A 30 -8.55 -2.57 7.71
N VAL A 31 -7.52 -2.14 7.04
CA VAL A 31 -7.56 -0.77 6.52
C VAL A 31 -8.80 -0.59 5.65
N LEU A 32 -9.20 -1.61 4.94
CA LEU A 32 -10.41 -1.48 4.08
C LEU A 32 -11.60 -1.05 4.94
N LYS A 33 -11.55 -1.34 6.22
CA LYS A 33 -12.67 -0.95 7.12
C LYS A 33 -12.69 0.56 7.25
N PHE A 34 -11.63 1.24 7.01
CA PHE A 34 -11.73 2.71 7.16
C PHE A 34 -11.97 3.35 5.82
N VAL A 35 -12.09 2.55 4.80
CA VAL A 35 -12.43 3.13 3.48
C VAL A 35 -13.95 3.23 3.49
N ARG A 36 -14.45 4.23 4.18
CA ARG A 36 -15.94 4.39 4.32
C ARG A 36 -16.50 5.56 3.52
N ASN A 37 -15.80 6.63 3.42
CA ASN A 37 -16.38 7.78 2.70
C ASN A 37 -16.37 7.57 1.20
N VAL A 38 -15.65 6.62 0.69
CA VAL A 38 -15.68 6.45 -0.78
C VAL A 38 -15.95 4.99 -1.15
N PRO A 39 -16.66 4.81 -2.26
CA PRO A 39 -16.96 3.45 -2.82
C PRO A 39 -15.70 2.75 -3.35
N TRP A 40 -15.52 1.49 -3.01
CA TRP A 40 -14.32 0.76 -3.52
C TRP A 40 -14.70 -0.70 -3.78
N GLU A 41 -14.00 -1.34 -4.68
CA GLU A 41 -14.31 -2.76 -4.99
C GLU A 41 -13.07 -3.51 -5.43
N PHE A 42 -13.07 -4.81 -5.25
CA PHE A 42 -11.89 -5.65 -5.66
C PHE A 42 -11.83 -5.82 -7.19
N GLY A 43 -10.70 -5.59 -7.77
CA GLY A 43 -10.56 -5.78 -9.23
C GLY A 43 -9.24 -6.46 -9.49
N ASP A 44 -9.08 -7.01 -10.63
CA ASP A 44 -7.79 -7.68 -10.92
C ASP A 44 -6.78 -6.65 -11.46
N VAL A 45 -6.10 -5.92 -10.59
CA VAL A 45 -5.10 -4.89 -11.09
C VAL A 45 -3.67 -5.11 -10.48
N ILE A 46 -2.67 -4.67 -11.19
CA ILE A 46 -1.27 -4.87 -10.72
C ILE A 46 -0.96 -4.26 -9.33
N PRO A 47 -1.33 -3.03 -9.12
CA PRO A 47 -1.00 -2.38 -7.84
C PRO A 47 -1.96 -2.85 -6.78
N ASP A 48 -1.87 -2.26 -5.63
CA ASP A 48 -2.80 -2.60 -4.54
C ASP A 48 -4.07 -1.80 -4.73
N TYR A 49 -3.96 -0.52 -4.96
CA TYR A 49 -5.19 0.28 -5.15
C TYR A 49 -5.10 1.17 -6.36
N VAL A 50 -6.09 1.11 -7.20
CA VAL A 50 -6.13 2.03 -8.37
C VAL A 50 -6.98 3.22 -7.95
N LEU A 51 -6.42 4.40 -7.93
CA LEU A 51 -7.20 5.59 -7.47
C LEU A 51 -7.60 6.49 -8.68
N GLY A 52 -6.97 6.29 -9.84
CA GLY A 52 -7.28 7.16 -11.05
C GLY A 52 -6.69 6.49 -12.30
N GLN A 53 -7.02 6.98 -13.49
CA GLN A 53 -6.50 6.31 -14.75
C GLN A 53 -4.96 6.06 -14.70
N SER A 54 -4.19 6.87 -14.02
CA SER A 54 -2.73 6.56 -13.97
C SER A 54 -2.19 6.78 -12.60
N THR A 55 -3.04 6.77 -11.63
CA THR A 55 -2.57 6.92 -10.22
C THR A 55 -2.77 5.57 -9.53
N CYS A 56 -1.81 5.07 -8.78
CA CYS A 56 -2.01 3.76 -8.05
C CYS A 56 -1.17 3.70 -6.78
N ALA A 57 -1.61 2.98 -5.81
CA ALA A 57 -0.85 2.94 -4.54
C ALA A 57 -0.46 1.50 -4.22
N LEU A 58 0.43 1.34 -3.25
CA LEU A 58 0.90 -0.01 -2.82
C LEU A 58 0.96 0.00 -1.31
N PHE A 59 0.39 -1.00 -0.65
CA PHE A 59 0.44 -1.03 0.84
C PHE A 59 1.54 -1.94 1.28
N LEU A 60 2.24 -1.50 2.24
CA LEU A 60 3.37 -2.26 2.76
C LEU A 60 3.36 -2.12 4.27
N SER A 61 2.77 -3.00 5.01
CA SER A 61 2.85 -2.74 6.50
C SER A 61 4.32 -2.89 6.88
N LEU A 62 4.70 -2.58 8.08
CA LEU A 62 6.14 -2.76 8.36
C LEU A 62 6.35 -4.09 9.06
N ARG A 63 5.69 -4.33 10.14
CA ARG A 63 5.88 -5.63 10.82
C ARG A 63 5.97 -6.68 9.73
N TYR A 64 4.96 -6.79 8.93
CA TYR A 64 5.00 -7.77 7.82
C TYR A 64 6.24 -7.50 6.99
N HIS A 65 6.62 -6.25 6.83
CA HIS A 65 7.83 -5.94 6.00
C HIS A 65 9.01 -6.89 6.32
N ASN A 66 9.20 -7.23 7.57
CA ASN A 66 10.33 -8.15 7.89
C ASN A 66 9.99 -9.56 7.40
N LEU A 67 8.87 -10.11 7.84
CA LEU A 67 8.49 -11.49 7.43
C LEU A 67 8.87 -11.76 5.97
N HIS A 68 8.84 -10.77 5.13
CA HIS A 68 9.27 -11.01 3.74
C HIS A 68 9.59 -9.69 3.02
N PRO A 69 10.85 -9.33 3.03
CA PRO A 69 11.29 -8.12 2.32
C PRO A 69 11.41 -8.50 0.84
N ASP A 70 11.88 -7.61 -0.03
CA ASP A 70 11.97 -7.95 -1.49
C ASP A 70 10.54 -8.10 -2.07
N TYR A 71 9.56 -8.43 -1.25
CA TYR A 71 8.18 -8.51 -1.76
C TYR A 71 7.82 -7.11 -2.21
N ILE A 72 7.99 -6.13 -1.34
CA ILE A 72 7.66 -4.74 -1.79
C ILE A 72 8.56 -4.34 -2.94
N HIS A 73 9.80 -4.76 -2.91
CA HIS A 73 10.71 -4.44 -4.04
C HIS A 73 10.18 -5.16 -5.28
N GLY A 74 9.94 -6.46 -5.14
CA GLY A 74 9.41 -7.27 -6.29
C GLY A 74 7.99 -6.81 -6.67
N ARG A 75 7.38 -6.01 -5.84
CA ARG A 75 6.00 -5.53 -6.16
C ARG A 75 6.09 -4.29 -7.06
N LEU A 76 7.05 -3.45 -6.85
CA LEU A 76 7.14 -2.26 -7.71
C LEU A 76 7.62 -2.66 -9.11
N GLN A 77 8.56 -3.60 -9.22
CA GLN A 77 9.04 -4.00 -10.61
C GLN A 77 7.86 -4.61 -11.38
N SER A 78 6.98 -5.28 -10.70
CA SER A 78 5.81 -5.86 -11.40
C SER A 78 4.94 -4.73 -11.94
N LEU A 79 4.68 -3.77 -11.12
CA LEU A 79 3.86 -2.63 -11.59
C LEU A 79 4.54 -1.97 -12.81
N GLY A 80 5.88 -1.95 -12.81
CA GLY A 80 6.67 -1.38 -13.96
C GLY A 80 6.47 0.12 -14.13
N LYS A 81 5.52 0.51 -14.95
CA LYS A 81 5.31 1.96 -15.21
C LYS A 81 3.88 2.26 -15.74
N ASN A 82 2.93 1.33 -15.56
CA ASN A 82 1.51 1.52 -16.12
C ASN A 82 0.77 2.75 -15.54
N PHE A 83 1.14 3.23 -14.38
CA PHE A 83 0.37 4.38 -13.80
C PHE A 83 1.24 5.59 -13.53
N ALA A 84 0.77 6.72 -13.90
CA ALA A 84 1.58 7.93 -13.66
C ALA A 84 1.80 8.18 -12.18
N LEU A 85 0.80 8.50 -11.45
CA LEU A 85 1.07 8.78 -10.02
C LEU A 85 1.25 7.51 -9.23
N ARG A 86 2.45 7.17 -8.89
CA ARG A 86 2.67 5.94 -8.09
C ARG A 86 2.88 6.39 -6.63
N VAL A 87 2.23 5.72 -5.70
CA VAL A 87 2.31 6.13 -4.25
C VAL A 87 2.50 4.90 -3.34
N LEU A 88 3.27 5.02 -2.28
CA LEU A 88 3.51 3.83 -1.34
C LEU A 88 2.88 4.09 0.06
N LEU A 89 1.72 3.56 0.35
CA LEU A 89 1.10 3.80 1.70
C LEU A 89 1.82 2.97 2.73
N VAL A 90 2.38 3.58 3.71
CA VAL A 90 3.13 2.77 4.71
C VAL A 90 2.46 2.83 6.08
N GLN A 91 2.16 1.73 6.69
CA GLN A 91 1.54 1.84 8.05
C GLN A 91 2.64 1.71 9.11
N VAL A 92 2.97 2.78 9.80
CA VAL A 92 4.06 2.67 10.84
C VAL A 92 3.53 1.92 12.06
N ASP A 93 3.55 0.62 12.00
CA ASP A 93 3.08 -0.21 13.15
C ASP A 93 4.28 -0.87 13.82
N VAL A 94 5.41 -0.19 13.86
CA VAL A 94 6.60 -0.78 14.52
C VAL A 94 7.46 0.33 15.16
N LYS A 95 7.99 0.08 16.32
CA LYS A 95 8.84 1.12 17.03
C LYS A 95 10.26 1.16 16.42
N ASP A 96 10.86 2.30 16.34
CA ASP A 96 12.24 2.39 15.73
C ASP A 96 12.24 2.05 14.23
N PRO A 97 11.26 2.54 13.55
CA PRO A 97 11.12 2.29 12.08
C PRO A 97 12.20 2.98 11.25
N GLN A 98 12.67 4.07 11.71
CA GLN A 98 13.66 4.83 10.93
C GLN A 98 14.48 3.96 9.97
N GLN A 99 15.27 3.07 10.47
CA GLN A 99 16.14 2.26 9.56
C GLN A 99 15.41 1.86 8.28
N ALA A 100 14.35 1.14 8.38
CA ALA A 100 13.66 0.68 7.16
C ALA A 100 13.23 1.87 6.29
N LEU A 101 12.52 2.81 6.85
CA LEU A 101 12.08 3.96 6.00
C LEU A 101 13.25 4.43 5.14
N LYS A 102 14.40 4.60 5.73
CA LYS A 102 15.58 5.04 4.95
C LYS A 102 15.73 4.18 3.69
N GLU A 103 15.92 2.89 3.83
CA GLU A 103 16.11 2.03 2.61
C GLU A 103 14.83 1.91 1.77
N LEU A 104 13.70 2.16 2.32
CA LEU A 104 12.50 2.10 1.48
C LEU A 104 12.48 3.36 0.65
N ALA A 105 12.73 4.49 1.28
CA ALA A 105 12.72 5.78 0.52
C ALA A 105 13.70 5.71 -0.67
N LYS A 106 14.90 5.21 -0.45
CA LYS A 106 15.90 5.10 -1.57
C LYS A 106 15.23 4.35 -2.71
N MET A 107 14.55 3.31 -2.38
CA MET A 107 13.84 2.54 -3.41
C MET A 107 12.81 3.44 -4.14
N CYS A 108 12.05 4.24 -3.40
CA CYS A 108 10.98 5.10 -4.03
C CYS A 108 11.55 6.16 -4.93
N ILE A 109 12.71 6.72 -4.64
CA ILE A 109 13.23 7.78 -5.57
C ILE A 109 13.55 7.10 -6.87
N LEU A 110 14.27 5.99 -6.81
CA LEU A 110 14.59 5.27 -8.07
C LEU A 110 13.24 4.91 -8.74
N ALA A 111 12.32 4.36 -7.98
CA ALA A 111 10.96 3.98 -8.53
C ALA A 111 10.10 5.23 -8.78
N ASP A 112 10.57 6.34 -8.34
CA ASP A 112 9.83 7.61 -8.49
C ASP A 112 8.36 7.48 -8.05
N CYS A 113 8.13 6.90 -6.90
CA CYS A 113 6.74 6.80 -6.36
C CYS A 113 6.74 7.52 -5.01
N THR A 114 5.62 8.04 -4.61
CA THR A 114 5.53 8.82 -3.32
C THR A 114 5.56 7.90 -2.09
N LEU A 115 6.13 8.38 -1.02
CA LEU A 115 6.19 7.62 0.27
C LEU A 115 5.20 8.25 1.25
N ILE A 116 4.18 7.54 1.70
CA ILE A 116 3.17 8.15 2.65
C ILE A 116 3.21 7.44 3.99
N LEU A 117 3.04 8.14 5.07
CA LEU A 117 3.15 7.43 6.38
C LEU A 117 1.88 7.44 7.22
N ALA A 118 1.39 6.28 7.53
CA ALA A 118 0.22 6.19 8.43
C ALA A 118 0.66 5.48 9.69
N TRP A 119 -0.12 5.45 10.69
CA TRP A 119 0.33 4.75 11.91
C TRP A 119 -0.75 3.82 12.41
N SER A 120 -1.92 3.93 11.84
CA SER A 120 -3.04 3.03 12.23
C SER A 120 -3.78 2.55 11.00
N PRO A 121 -4.55 1.55 11.17
CA PRO A 121 -5.32 1.07 10.05
C PRO A 121 -6.39 2.06 9.70
N GLU A 122 -6.76 2.90 10.61
CA GLU A 122 -7.74 3.95 10.25
C GLU A 122 -7.04 5.07 9.48
N GLU A 123 -5.93 5.51 9.96
CA GLU A 123 -5.21 6.60 9.27
C GLU A 123 -4.99 6.27 7.78
N ALA A 124 -4.43 5.13 7.48
CA ALA A 124 -4.22 4.80 6.05
C ALA A 124 -5.57 4.80 5.39
N GLY A 125 -6.55 4.18 6.04
CA GLY A 125 -7.92 4.17 5.47
C GLY A 125 -8.27 5.60 5.12
N ARG A 126 -7.91 6.53 5.96
CA ARG A 126 -8.22 7.95 5.63
C ARG A 126 -7.48 8.31 4.34
N TYR A 127 -6.20 8.02 4.28
CA TYR A 127 -5.39 8.35 3.07
C TYR A 127 -6.03 7.88 1.78
N LEU A 128 -6.83 6.87 1.83
CA LEU A 128 -7.48 6.37 0.59
C LEU A 128 -8.68 7.27 0.23
N GLU A 129 -9.55 7.54 1.17
CA GLU A 129 -10.71 8.41 0.83
C GLU A 129 -10.18 9.74 0.29
N THR A 130 -9.04 10.20 0.82
CA THR A 130 -8.42 11.54 0.42
C THR A 130 -7.81 11.51 -0.99
N TYR A 131 -7.23 10.43 -1.44
CA TYR A 131 -6.65 10.48 -2.82
C TYR A 131 -7.74 10.33 -3.89
N LYS A 132 -8.84 9.64 -3.57
CA LYS A 132 -9.97 9.55 -4.57
C LYS A 132 -10.80 10.84 -4.43
N ALA A 133 -10.66 11.50 -3.27
CA ALA A 133 -11.37 12.82 -3.01
C ALA A 133 -10.49 14.00 -3.54
N LYS B 1 -6.54 -14.17 12.81
CA LYS B 1 -5.58 -15.30 13.03
C LYS B 1 -4.14 -14.87 12.60
N ILE B 2 -3.25 -15.83 12.44
CA ILE B 2 -1.85 -15.50 12.01
C ILE B 2 -1.52 -16.28 10.73
N ILE B 3 -2.09 -15.85 9.63
CA ILE B 3 -1.85 -16.55 8.33
C ILE B 3 -1.29 -15.58 7.33
N ASP B 4 -0.65 -14.57 7.83
CA ASP B 4 -0.06 -13.54 6.94
C ASP B 4 0.06 -14.03 5.51
N THR B 5 -0.82 -13.59 4.68
CA THR B 5 -0.79 -14.00 3.26
C THR B 5 0.16 -13.06 2.55
N GLY B 6 -0.18 -12.63 1.34
CA GLY B 6 0.71 -11.69 0.59
C GLY B 6 -0.03 -10.39 0.33
N GLY B 7 0.65 -9.26 0.51
CA GLY B 7 0.00 -7.93 0.28
C GLY B 7 0.64 -6.80 1.12
N GLY B 8 1.89 -6.94 1.56
CA GLY B 8 2.51 -5.83 2.40
C GLY B 8 1.58 -5.47 3.48
N PHE B 9 1.26 -6.39 4.33
CA PHE B 9 0.33 -6.05 5.41
C PHE B 9 0.23 -7.24 6.35
N ILE B 10 0.49 -7.04 7.62
CA ILE B 10 0.47 -8.20 8.57
C ILE B 10 -0.93 -8.81 8.70
N LEU B 11 -1.00 -10.03 9.09
CA LEU B 11 -2.33 -10.68 9.20
C LEU B 11 -2.28 -11.88 10.16
#